data_6P88
#
_entry.id   6P88
#
_cell.length_a   96.966
_cell.length_b   96.966
_cell.length_c   215.872
_cell.angle_alpha   90.000
_cell.angle_beta   90.000
_cell.angle_gamma   120.000
#
_symmetry.space_group_name_H-M   'P 32 2 1'
#
loop_
_entity.id
_entity.type
_entity.pdbx_description
1 polymer 'UDP-3-O-(3-hydroxymyristoyl)glucosamine N-acyltransferase'
2 non-polymer 'MAGNESIUM ION'
3 non-polymer N-{3-[(furan-2-carbonyl)amino]phenyl}-2,3-dihydro-1,4-benzodioxine-6-carboxamide
4 non-polymer 3-hydroxy-7,7-dimethyl-2-phenyl-4-(thiophen-2-yl)-2,6,7,8-tetrahydro-5H-pyrazolo[3,4-b]quinolin-5-one
5 water water
#
_entity_poly.entity_id   1
_entity_poly.type   'polypeptide(L)'
_entity_poly.pdbx_seq_one_letter_code
;GSGGSIRLADLAQQLDAELHGDGDIVITGVASMQSAQTGHITFMVNPKYREHLGLCQASAVVMTQDDLPFAKSAALVVKN
PYLTYARMAQILDTTPQPAQNIAPSAVIDATAKLGNNVSIGANAVIESGVELGDNVIIGAGCFVGKNSKIGAGSRLWANV
TIYHEIQIGQNCLIQSGTVVGADGFGYANDRGNWVKIPQIGRVIIGDRVEIGACTTIDRGALDDTIIGNGVIIDNQCQIA
HNVVIGDNTAVAGGVIMAGSLKIGRYCMIGGASVINGHMEICDKVTVTGMGMVMRPITEPGVYSSGIPLQPNKVWRKTAA
LVMNIDDMSKRLKSLERKVNQQD
;
_entity_poly.pdbx_strand_id   A,B,C
#
# COMPACT_ATOMS: atom_id res chain seq x y z
N SER A 5 10.89 6.39 36.26
CA SER A 5 11.56 7.57 36.80
C SER A 5 13.02 7.26 37.11
N ILE A 6 13.90 8.24 36.90
CA ILE A 6 15.33 8.02 37.02
C ILE A 6 16.00 9.35 37.37
N ARG A 7 17.05 9.29 38.18
CA ARG A 7 17.79 10.47 38.56
C ARG A 7 18.66 10.97 37.42
N LEU A 8 18.75 12.30 37.28
CA LEU A 8 19.51 12.89 36.18
C LEU A 8 20.96 12.43 36.21
N ALA A 9 21.53 12.22 37.40
CA ALA A 9 22.89 11.75 37.49
C ALA A 9 23.02 10.34 36.90
N ASP A 10 22.12 9.44 37.28
CA ASP A 10 22.12 8.10 36.72
C ASP A 10 21.94 8.14 35.21
N LEU A 11 21.03 8.98 34.73
CA LEU A 11 20.78 9.07 33.30
C LEU A 11 22.03 9.51 32.54
N ALA A 12 22.71 10.55 33.06
CA ALA A 12 23.94 11.00 32.41
C ALA A 12 24.98 9.90 32.36
N GLN A 13 25.07 9.08 33.42
CA GLN A 13 26.00 7.97 33.43
C GLN A 13 25.67 6.97 32.33
N GLN A 14 24.41 6.52 32.28
CA GLN A 14 24.02 5.55 31.26
C GLN A 14 24.17 6.12 29.85
N LEU A 15 23.98 7.42 29.69
CA LEU A 15 24.14 8.08 28.40
C LEU A 15 25.58 8.49 28.11
N ASP A 16 26.49 8.29 29.07
CA ASP A 16 27.88 8.70 28.92
C ASP A 16 27.97 10.18 28.57
N ALA A 17 27.16 10.99 29.24
CA ALA A 17 27.10 12.42 29.03
C ALA A 17 27.60 13.16 30.26
N GLU A 18 28.03 14.39 30.05
CA GLU A 18 28.57 15.22 31.11
C GLU A 18 27.46 16.11 31.68
N LEU A 19 27.24 15.99 32.99
CA LEU A 19 26.15 16.69 33.66
C LEU A 19 26.59 18.10 34.07
N HIS A 20 25.71 19.07 33.84
CA HIS A 20 25.91 20.46 34.26
C HIS A 20 24.62 20.90 34.95
N GLY A 21 24.49 20.56 36.23
CA GLY A 21 23.32 20.91 36.99
C GLY A 21 23.07 19.87 38.09
N ASP A 22 21.92 20.01 38.72
CA ASP A 22 21.55 19.18 39.86
C ASP A 22 21.31 17.75 39.41
N GLY A 23 22.21 16.84 39.80
CA GLY A 23 22.07 15.44 39.45
C GLY A 23 20.98 14.69 40.20
N ASP A 24 20.39 15.32 41.21
CA ASP A 24 19.28 14.72 41.95
C ASP A 24 17.94 15.00 41.30
N ILE A 25 17.93 15.75 40.19
CA ILE A 25 16.69 15.97 39.44
C ILE A 25 16.15 14.64 38.97
N VAL A 26 14.87 14.39 39.21
CA VAL A 26 14.21 13.16 38.79
C VAL A 26 13.62 13.38 37.41
N ILE A 27 13.95 12.49 36.48
CA ILE A 27 13.46 12.54 35.10
C ILE A 27 12.44 11.44 34.92
N THR A 28 11.24 11.80 34.48
CA THR A 28 10.15 10.85 34.32
C THR A 28 9.88 10.48 32.88
N GLY A 29 10.39 11.24 31.91
CA GLY A 29 10.13 10.93 30.52
C GLY A 29 10.78 11.93 29.60
N VAL A 30 10.61 11.70 28.30
CA VAL A 30 11.17 12.54 27.26
C VAL A 30 10.05 13.33 26.62
N ALA A 31 10.37 14.55 26.16
CA ALA A 31 9.38 15.41 25.54
C ALA A 31 10.08 16.33 24.55
N SER A 32 9.29 16.89 23.63
CA SER A 32 9.81 17.90 22.72
C SER A 32 10.10 19.18 23.48
N MET A 33 10.91 20.05 22.87
CA MET A 33 11.28 21.30 23.55
C MET A 33 10.05 22.15 23.86
N GLN A 34 9.09 22.21 22.91
CA GLN A 34 7.93 23.06 23.13
C GLN A 34 6.97 22.47 24.15
N SER A 35 6.96 21.14 24.30
CA SER A 35 6.02 20.47 25.20
C SER A 35 6.61 20.12 26.56
N ALA A 36 7.93 20.22 26.72
CA ALA A 36 8.58 19.74 27.93
C ALA A 36 8.06 20.45 29.17
N GLN A 37 7.80 19.67 30.22
CA GLN A 37 7.41 20.15 31.53
C GLN A 37 8.46 19.75 32.56
N THR A 38 8.24 20.18 33.80
CA THR A 38 9.09 19.71 34.89
C THR A 38 9.08 18.19 34.95
N GLY A 39 10.27 17.59 35.08
CA GLY A 39 10.41 16.15 35.06
C GLY A 39 10.73 15.58 33.70
N HIS A 40 10.63 16.37 32.64
CA HIS A 40 10.96 15.92 31.29
C HIS A 40 12.39 16.28 30.95
N ILE A 41 13.03 15.41 30.16
CA ILE A 41 14.28 15.73 29.50
C ILE A 41 13.99 15.89 28.02
N THR A 42 14.68 16.83 27.39
CA THR A 42 14.48 17.11 25.98
C THR A 42 15.85 17.24 25.34
N PHE A 43 15.88 17.64 24.06
CA PHE A 43 17.14 17.80 23.34
C PHE A 43 16.97 18.89 22.31
N MET A 44 18.10 19.44 21.85
CA MET A 44 18.07 20.36 20.72
C MET A 44 19.24 20.06 19.81
N VAL A 45 18.99 20.18 18.50
CA VAL A 45 20.00 20.00 17.47
C VAL A 45 20.25 21.28 16.68
N ASN A 46 19.19 22.04 16.39
CA ASN A 46 19.28 23.26 15.61
C ASN A 46 19.65 24.43 16.52
N PRO A 47 20.70 25.19 16.19
CA PRO A 47 21.12 26.29 17.07
C PRO A 47 20.10 27.43 17.16
N LYS A 48 19.06 27.44 16.31
CA LYS A 48 18.07 28.51 16.41
C LYS A 48 17.29 28.46 17.71
N TYR A 49 17.20 27.29 18.35
CA TYR A 49 16.47 27.16 19.60
C TYR A 49 17.28 27.59 20.82
N ARG A 50 18.60 27.65 20.70
CA ARG A 50 19.46 28.14 21.78
C ARG A 50 18.85 29.35 22.48
N GLU A 51 18.31 30.27 21.67
CA GLU A 51 18.03 31.62 22.11
C GLU A 51 16.72 31.75 22.88
N HIS A 52 15.80 30.79 22.74
CA HIS A 52 14.61 30.72 23.58
C HIS A 52 14.63 29.47 24.45
N LEU A 53 15.82 29.08 24.92
CA LEU A 53 15.92 28.01 25.90
C LEU A 53 15.35 28.42 27.25
N GLY A 54 15.27 29.72 27.52
CA GLY A 54 14.63 30.21 28.73
C GLY A 54 13.13 30.04 28.74
N LEU A 55 12.53 29.72 27.60
CA LEU A 55 11.11 29.39 27.53
C LEU A 55 10.83 27.91 27.63
N CYS A 56 11.85 27.07 27.39
CA CYS A 56 11.69 25.63 27.57
C CYS A 56 11.60 25.30 29.06
N GLN A 57 10.60 24.51 29.44
CA GLN A 57 10.35 24.20 30.85
C GLN A 57 10.74 22.76 31.19
N ALA A 58 11.60 22.15 30.40
CA ALA A 58 12.11 20.82 30.72
C ALA A 58 13.02 20.91 31.95
N SER A 59 13.12 19.78 32.68
CA SER A 59 14.06 19.71 33.78
C SER A 59 15.51 19.62 33.30
N ALA A 60 15.74 19.16 32.07
CA ALA A 60 17.08 19.06 31.54
C ALA A 60 17.01 19.02 30.02
N VAL A 61 18.06 19.53 29.38
CA VAL A 61 18.14 19.58 27.93
C VAL A 61 19.46 18.98 27.49
N VAL A 62 19.39 18.01 26.58
CA VAL A 62 20.58 17.43 25.96
C VAL A 62 21.05 18.35 24.84
N MET A 63 22.34 18.68 24.85
CA MET A 63 22.88 19.67 23.93
C MET A 63 24.37 19.43 23.75
N THR A 64 24.97 20.21 22.85
CA THR A 64 26.41 20.16 22.61
C THR A 64 27.13 21.16 23.51
N GLN A 65 28.46 21.19 23.41
CA GLN A 65 29.23 22.12 24.23
C GLN A 65 28.97 23.56 23.82
N ASP A 66 28.92 23.83 22.52
CA ASP A 66 28.64 25.19 22.05
C ASP A 66 27.27 25.68 22.51
N ASP A 67 26.37 24.78 22.88
CA ASP A 67 25.06 25.17 23.38
C ASP A 67 25.07 25.51 24.86
N LEU A 68 26.08 25.06 25.61
CA LEU A 68 26.04 25.20 27.05
C LEU A 68 25.89 26.63 27.54
N PRO A 69 26.61 27.62 26.98
CA PRO A 69 26.45 29.00 27.47
C PRO A 69 25.03 29.53 27.39
N PHE A 70 24.22 29.00 26.48
CA PHE A 70 22.83 29.42 26.33
C PHE A 70 21.87 28.65 27.21
N ALA A 71 22.37 27.69 27.98
CA ALA A 71 21.50 26.85 28.79
C ALA A 71 20.83 27.67 29.90
N LYS A 72 19.53 27.45 30.07
CA LYS A 72 18.77 28.04 31.16
C LYS A 72 18.23 26.97 32.11
N SER A 73 18.79 25.77 32.03
CA SER A 73 18.41 24.66 32.91
C SER A 73 19.59 23.70 33.00
N ALA A 74 19.43 22.65 33.81
CA ALA A 74 20.42 21.60 33.84
C ALA A 74 20.62 21.04 32.44
N ALA A 75 21.85 20.64 32.13
CA ALA A 75 22.19 20.23 30.78
C ALA A 75 23.04 18.97 30.80
N LEU A 76 22.79 18.09 29.83
CA LEU A 76 23.64 16.96 29.54
C LEU A 76 24.36 17.27 28.22
N VAL A 77 25.67 17.47 28.30
CA VAL A 77 26.46 17.81 27.12
C VAL A 77 26.98 16.53 26.50
N VAL A 78 26.88 16.47 25.16
CA VAL A 78 27.28 15.30 24.38
C VAL A 78 27.73 15.77 23.01
N LYS A 79 28.29 14.84 22.23
CA LYS A 79 28.72 15.17 20.87
C LYS A 79 27.54 15.16 19.91
N ASN A 80 26.61 14.23 20.08
CA ASN A 80 25.53 13.98 19.12
C ASN A 80 24.20 13.95 19.85
N PRO A 81 23.54 15.09 20.02
CA PRO A 81 22.28 15.09 20.78
C PRO A 81 21.21 14.18 20.22
N TYR A 82 21.12 14.06 18.89
CA TYR A 82 20.07 13.24 18.30
C TYR A 82 20.27 11.77 18.65
N LEU A 83 21.52 11.29 18.60
CA LEU A 83 21.78 9.90 18.99
C LEU A 83 21.56 9.71 20.49
N THR A 84 22.01 10.67 21.31
CA THR A 84 21.74 10.60 22.73
C THR A 84 20.25 10.58 23.00
N TYR A 85 19.47 11.35 22.22
CA TYR A 85 18.03 11.34 22.35
C TYR A 85 17.46 9.95 22.08
N ALA A 86 17.93 9.29 21.02
CA ALA A 86 17.51 7.93 20.74
C ALA A 86 17.75 7.03 21.94
N ARG A 87 18.93 7.13 22.56
CA ARG A 87 19.27 6.25 23.66
C ARG A 87 18.43 6.53 24.89
N MET A 88 18.22 7.80 25.22
CA MET A 88 17.44 8.12 26.42
C MET A 88 15.95 7.82 26.21
N ALA A 89 15.45 7.95 24.98
CA ALA A 89 14.10 7.54 24.68
C ALA A 89 13.91 6.04 24.89
N GLN A 90 14.95 5.25 24.57
CA GLN A 90 14.88 3.82 24.82
C GLN A 90 14.85 3.53 26.33
N ILE A 91 15.63 4.28 27.10
CA ILE A 91 15.62 4.11 28.55
C ILE A 91 14.26 4.48 29.12
N LEU A 92 13.65 5.56 28.62
CA LEU A 92 12.40 6.07 29.14
C LEU A 92 11.20 5.67 28.28
N ASP A 93 11.33 4.60 27.51
CA ASP A 93 10.29 4.19 26.58
C ASP A 93 9.02 3.78 27.32
N THR A 94 7.88 4.29 26.87
CA THR A 94 6.58 3.97 27.43
C THR A 94 5.78 3.01 26.56
N THR A 95 6.34 2.57 25.44
CA THR A 95 5.59 1.71 24.53
C THR A 95 5.25 0.39 25.21
N PRO A 96 3.99 -0.04 25.19
CA PRO A 96 3.65 -1.37 25.73
C PRO A 96 4.12 -2.48 24.82
N GLN A 97 3.99 -3.72 25.32
CA GLN A 97 4.32 -4.91 24.54
C GLN A 97 3.10 -5.40 23.78
N PRO A 98 3.30 -5.99 22.59
CA PRO A 98 2.16 -6.51 21.83
C PRO A 98 1.33 -7.54 22.59
N ALA A 99 1.92 -8.24 23.55
CA ALA A 99 1.20 -9.26 24.30
C ALA A 99 1.98 -9.59 25.56
N GLN A 100 1.30 -10.26 26.49
CA GLN A 100 1.92 -10.69 27.74
C GLN A 100 1.44 -12.10 28.05
N ASN A 101 2.38 -13.04 28.21
CA ASN A 101 2.03 -14.45 28.38
C ASN A 101 1.27 -14.94 27.16
N ILE A 102 0.73 -16.15 27.22
CA ILE A 102 0.01 -16.75 26.10
C ILE A 102 -1.47 -16.64 26.37
N ALA A 103 -2.20 -16.00 25.45
CA ALA A 103 -3.63 -15.73 25.61
C ALA A 103 -4.43 -17.01 25.38
N PRO A 104 -5.47 -17.24 26.20
CA PRO A 104 -6.27 -18.46 26.02
C PRO A 104 -6.99 -18.53 24.68
N SER A 105 -7.24 -17.40 24.02
CA SER A 105 -7.89 -17.40 22.71
C SER A 105 -6.90 -17.62 21.56
N ALA A 106 -5.60 -17.68 21.84
CA ALA A 106 -4.63 -18.02 20.80
C ALA A 106 -4.80 -19.48 20.40
N VAL A 107 -4.57 -19.75 19.11
CA VAL A 107 -4.72 -21.09 18.54
C VAL A 107 -3.34 -21.53 18.08
N ILE A 108 -2.75 -22.46 18.84
CA ILE A 108 -1.34 -22.81 18.68
C ILE A 108 -1.25 -24.30 18.39
N ASP A 109 -0.77 -24.65 17.21
CA ASP A 109 -0.61 -26.04 16.85
C ASP A 109 0.27 -26.75 17.87
N ALA A 110 -0.10 -27.99 18.18
CA ALA A 110 0.60 -28.73 19.23
C ALA A 110 2.07 -28.98 18.89
N THR A 111 2.43 -28.94 17.61
CA THR A 111 3.80 -29.19 17.19
C THR A 111 4.65 -27.92 17.13
N ALA A 112 4.10 -26.77 17.50
CA ALA A 112 4.93 -25.56 17.58
C ALA A 112 5.95 -25.72 18.71
N LYS A 113 7.12 -25.11 18.50
CA LYS A 113 8.21 -25.16 19.47
C LYS A 113 8.43 -23.74 20.00
N LEU A 114 8.15 -23.54 21.28
CA LEU A 114 8.22 -22.24 21.92
C LEU A 114 9.38 -22.19 22.89
N GLY A 115 10.16 -21.10 22.82
CA GLY A 115 11.22 -20.86 23.77
C GLY A 115 10.67 -20.39 25.10
N ASN A 116 11.57 -19.88 25.93
CA ASN A 116 11.19 -19.35 27.23
C ASN A 116 10.62 -17.94 27.08
N ASN A 117 9.65 -17.62 27.93
CA ASN A 117 9.11 -16.26 28.03
C ASN A 117 8.57 -15.77 26.68
N VAL A 118 7.87 -16.66 25.98
CA VAL A 118 7.20 -16.31 24.74
C VAL A 118 5.81 -15.80 25.08
N SER A 119 5.44 -14.66 24.50
CA SER A 119 4.11 -14.09 24.67
C SER A 119 3.37 -14.13 23.34
N ILE A 120 2.09 -14.50 23.39
CA ILE A 120 1.25 -14.61 22.20
C ILE A 120 -0.08 -13.95 22.51
N GLY A 121 -0.46 -12.97 21.69
CA GLY A 121 -1.66 -12.19 21.94
C GLY A 121 -2.94 -12.91 21.58
N ALA A 122 -4.06 -12.28 21.95
CA ALA A 122 -5.37 -12.89 21.75
C ALA A 122 -5.65 -13.17 20.29
N ASN A 123 -6.12 -14.38 20.01
CA ASN A 123 -6.57 -14.82 18.69
C ASN A 123 -5.45 -14.92 17.67
N ALA A 124 -4.20 -14.90 18.09
CA ALA A 124 -3.12 -15.21 17.17
C ALA A 124 -3.19 -16.68 16.79
N VAL A 125 -2.67 -17.01 15.60
CA VAL A 125 -2.73 -18.37 15.08
C VAL A 125 -1.32 -18.80 14.71
N ILE A 126 -0.84 -19.87 15.35
CA ILE A 126 0.49 -20.42 15.12
C ILE A 126 0.33 -21.80 14.50
N GLU A 127 0.87 -21.98 13.31
CA GLU A 127 0.74 -23.22 12.55
C GLU A 127 1.72 -24.28 13.04
N SER A 128 1.58 -25.47 12.47
CA SER A 128 2.44 -26.60 12.82
C SER A 128 3.90 -26.28 12.49
N GLY A 129 4.80 -26.84 13.30
CA GLY A 129 6.23 -26.75 13.06
C GLY A 129 6.86 -25.42 13.36
N VAL A 130 6.08 -24.41 13.76
CA VAL A 130 6.62 -23.07 13.99
C VAL A 130 7.55 -23.09 15.19
N GLU A 131 8.67 -22.37 15.08
CA GLU A 131 9.63 -22.24 16.16
C GLU A 131 9.73 -20.77 16.57
N LEU A 132 9.39 -20.48 17.82
CA LEU A 132 9.50 -19.14 18.38
C LEU A 132 10.58 -19.15 19.45
N GLY A 133 11.58 -18.29 19.27
CA GLY A 133 12.71 -18.24 20.18
C GLY A 133 12.36 -17.59 21.50
N ASP A 134 13.34 -17.60 22.41
CA ASP A 134 13.17 -16.98 23.72
C ASP A 134 12.74 -15.53 23.58
N ASN A 135 11.81 -15.11 24.43
CA ASN A 135 11.40 -13.71 24.55
C ASN A 135 10.69 -13.19 23.29
N VAL A 136 10.27 -14.07 22.39
CA VAL A 136 9.50 -13.63 21.23
C VAL A 136 8.12 -13.19 21.67
N ILE A 137 7.59 -12.15 21.04
CA ILE A 137 6.25 -11.66 21.32
C ILE A 137 5.47 -11.63 20.02
N ILE A 138 4.31 -12.28 20.00
CA ILE A 138 3.40 -12.29 18.86
C ILE A 138 2.16 -11.52 19.26
N GLY A 139 1.82 -10.49 18.49
CA GLY A 139 0.67 -9.66 18.80
C GLY A 139 -0.64 -10.37 18.54
N ALA A 140 -1.72 -9.71 18.97
CA ALA A 140 -3.05 -10.25 18.75
C ALA A 140 -3.35 -10.38 17.26
N GLY A 141 -4.07 -11.44 16.90
CA GLY A 141 -4.54 -11.62 15.54
C GLY A 141 -3.49 -11.96 14.52
N CYS A 142 -2.25 -12.21 14.92
CA CYS A 142 -1.23 -12.57 13.94
C CYS A 142 -1.45 -13.98 13.41
N PHE A 143 -0.86 -14.23 12.24
CA PHE A 143 -0.76 -15.58 11.68
C PHE A 143 0.71 -15.85 11.40
N VAL A 144 1.20 -17.00 11.86
CA VAL A 144 2.56 -17.46 11.58
C VAL A 144 2.46 -18.84 10.93
N GLY A 145 2.88 -18.94 9.68
CA GLY A 145 2.60 -20.11 8.88
C GLY A 145 3.56 -21.25 9.14
N LYS A 146 3.26 -22.38 8.51
CA LYS A 146 3.90 -23.66 8.80
C LYS A 146 5.42 -23.56 8.73
N ASN A 147 6.07 -24.11 9.76
CA ASN A 147 7.51 -24.31 9.84
C ASN A 147 8.30 -23.01 9.84
N SER A 148 7.67 -21.86 10.02
CA SER A 148 8.41 -20.62 10.12
C SER A 148 9.14 -20.55 11.45
N LYS A 149 10.25 -19.81 11.47
CA LYS A 149 11.10 -19.68 12.64
C LYS A 149 11.32 -18.20 12.92
N ILE A 150 11.14 -17.81 14.18
CA ILE A 150 11.32 -16.43 14.60
C ILE A 150 12.33 -16.42 15.74
N GLY A 151 13.45 -15.71 15.55
CA GLY A 151 14.55 -15.74 16.48
C GLY A 151 14.29 -14.97 17.77
N ALA A 152 15.15 -15.22 18.75
CA ALA A 152 14.96 -14.70 20.10
C ALA A 152 14.81 -13.18 20.09
N GLY A 153 13.87 -12.68 20.90
CA GLY A 153 13.68 -11.25 21.07
C GLY A 153 12.85 -10.57 20.01
N SER A 154 12.45 -11.26 18.95
CA SER A 154 11.70 -10.62 17.88
C SER A 154 10.25 -10.39 18.31
N ARG A 155 9.65 -9.33 17.77
CA ARG A 155 8.31 -8.93 18.18
C ARG A 155 7.47 -8.58 16.96
N LEU A 156 6.26 -9.11 16.92
CA LEU A 156 5.26 -8.77 15.92
C LEU A 156 4.13 -8.03 16.61
N TRP A 157 3.71 -6.89 16.05
CA TRP A 157 2.54 -6.19 16.55
C TRP A 157 1.28 -6.92 16.08
N ALA A 158 0.10 -6.37 16.38
CA ALA A 158 -1.13 -7.06 16.05
C ALA A 158 -1.29 -7.21 14.54
N ASN A 159 -1.96 -8.29 14.14
CA ASN A 159 -2.41 -8.49 12.76
C ASN A 159 -1.25 -8.45 11.77
N VAL A 160 -0.18 -9.16 12.09
CA VAL A 160 0.91 -9.43 11.15
C VAL A 160 0.71 -10.82 10.56
N THR A 161 1.01 -10.98 9.27
CA THR A 161 0.92 -12.26 8.61
C THR A 161 2.31 -12.72 8.20
N ILE A 162 2.76 -13.84 8.77
CA ILE A 162 3.97 -14.53 8.35
C ILE A 162 3.55 -15.82 7.69
N TYR A 163 3.98 -16.02 6.43
CA TYR A 163 3.64 -17.23 5.71
C TYR A 163 4.50 -18.40 6.20
N HIS A 164 4.51 -19.48 5.42
CA HIS A 164 5.23 -20.70 5.75
C HIS A 164 6.69 -20.61 5.36
N GLU A 165 7.53 -21.38 6.07
CA GLU A 165 8.95 -21.55 5.76
C GLU A 165 9.70 -20.21 5.76
N ILE A 166 9.31 -19.30 6.63
CA ILE A 166 9.96 -17.99 6.75
C ILE A 166 10.92 -18.02 7.91
N GLN A 167 12.07 -17.39 7.73
CA GLN A 167 13.07 -17.27 8.79
C GLN A 167 13.27 -15.81 9.15
N ILE A 168 13.12 -15.49 10.43
CA ILE A 168 13.31 -14.15 10.95
C ILE A 168 14.35 -14.23 12.07
N GLY A 169 15.31 -13.30 12.04
CA GLY A 169 16.40 -13.30 12.98
C GLY A 169 16.00 -12.84 14.38
N GLN A 170 17.00 -12.42 15.14
CA GLN A 170 16.81 -12.00 16.52
C GLN A 170 16.54 -10.50 16.59
N ASN A 171 15.72 -10.13 17.57
CA ASN A 171 15.52 -8.72 17.93
C ASN A 171 14.92 -7.92 16.77
N CYS A 172 14.07 -8.55 15.98
CA CYS A 172 13.36 -7.86 14.91
C CYS A 172 12.05 -7.28 15.43
N LEU A 173 11.51 -6.34 14.66
CA LEU A 173 10.25 -5.68 15.00
C LEU A 173 9.46 -5.45 13.72
N ILE A 174 8.26 -6.01 13.67
CA ILE A 174 7.39 -5.90 12.50
C ILE A 174 6.08 -5.26 12.93
N GLN A 175 5.70 -4.18 12.26
CA GLN A 175 4.51 -3.43 12.61
C GLN A 175 3.27 -4.06 11.95
N SER A 176 2.11 -3.63 12.43
CA SER A 176 0.85 -4.28 12.07
C SER A 176 0.57 -4.18 10.58
N GLY A 177 -0.19 -5.16 10.08
CA GLY A 177 -0.63 -5.17 8.70
C GLY A 177 0.39 -5.71 7.71
N THR A 178 1.64 -5.91 8.12
CA THR A 178 2.66 -6.38 7.21
C THR A 178 2.48 -7.86 6.88
N VAL A 179 2.84 -8.22 5.66
CA VAL A 179 2.74 -9.59 5.16
C VAL A 179 4.13 -10.02 4.69
N VAL A 180 4.66 -11.09 5.27
CA VAL A 180 5.97 -11.60 4.91
C VAL A 180 5.81 -12.99 4.33
N GLY A 181 6.21 -13.16 3.08
CA GLY A 181 6.24 -14.48 2.48
C GLY A 181 5.11 -14.80 1.54
N ALA A 182 4.34 -13.82 1.08
CA ALA A 182 3.32 -14.09 0.08
C ALA A 182 3.97 -14.51 -1.23
N ASP A 183 3.16 -15.14 -2.09
CA ASP A 183 3.66 -15.56 -3.39
C ASP A 183 4.26 -14.39 -4.17
N GLY A 184 5.40 -14.63 -4.79
CA GLY A 184 5.90 -13.68 -5.78
C GLY A 184 5.03 -13.65 -7.01
N PHE A 185 5.20 -12.59 -7.79
CA PHE A 185 4.40 -12.36 -9.00
C PHE A 185 5.00 -13.13 -10.18
N GLY A 186 5.00 -14.45 -10.04
CA GLY A 186 5.64 -15.31 -11.03
C GLY A 186 4.66 -16.13 -11.85
N TYR A 187 4.67 -15.95 -13.17
CA TYR A 187 3.73 -16.62 -14.05
C TYR A 187 4.39 -16.92 -15.38
N ALA A 188 4.14 -18.13 -15.88
CA ALA A 188 4.42 -18.43 -17.27
C ALA A 188 3.20 -18.06 -18.12
N ASN A 189 3.38 -18.09 -19.43
CA ASN A 189 2.28 -17.79 -20.34
C ASN A 189 2.13 -18.93 -21.34
N ASP A 190 0.91 -19.43 -21.46
CA ASP A 190 0.56 -20.52 -22.37
C ASP A 190 -0.54 -20.02 -23.29
N ARG A 191 -0.15 -19.34 -24.37
CA ARG A 191 -1.09 -18.81 -25.36
C ARG A 191 -2.04 -17.80 -24.74
N GLY A 192 -1.45 -16.76 -24.15
CA GLY A 192 -2.21 -15.68 -23.54
C GLY A 192 -2.78 -15.98 -22.17
N ASN A 193 -2.77 -17.23 -21.74
CA ASN A 193 -3.26 -17.61 -20.42
C ASN A 193 -2.09 -17.66 -19.44
N TRP A 194 -2.26 -17.02 -18.29
CA TRP A 194 -1.21 -17.03 -17.27
C TRP A 194 -1.19 -18.37 -16.55
N VAL A 195 0.01 -18.91 -16.39
CA VAL A 195 0.23 -20.19 -15.72
C VAL A 195 1.01 -19.90 -14.44
N LYS A 196 0.40 -20.16 -13.29
CA LYS A 196 1.04 -19.83 -12.04
C LYS A 196 2.30 -20.67 -11.86
N ILE A 197 3.40 -20.00 -11.53
CA ILE A 197 4.62 -20.67 -11.08
C ILE A 197 4.58 -20.70 -9.55
N PRO A 198 4.43 -21.87 -8.93
CA PRO A 198 4.49 -21.92 -7.46
C PRO A 198 5.79 -21.30 -6.97
N GLN A 199 5.68 -20.51 -5.91
CA GLN A 199 6.81 -19.78 -5.34
C GLN A 199 7.25 -20.55 -4.10
N ILE A 200 8.25 -21.42 -4.26
CA ILE A 200 8.65 -22.34 -3.20
C ILE A 200 9.96 -21.91 -2.54
N GLY A 201 10.50 -20.76 -2.92
CA GLY A 201 11.55 -20.13 -2.15
C GLY A 201 10.96 -19.59 -0.86
N ARG A 202 11.81 -18.86 -0.12
CA ARG A 202 11.45 -18.38 1.22
C ARG A 202 11.79 -16.90 1.34
N VAL A 203 11.59 -16.37 2.54
CA VAL A 203 12.11 -15.08 2.94
C VAL A 203 13.03 -15.31 4.13
N ILE A 204 14.26 -14.82 4.04
CA ILE A 204 15.22 -14.87 5.13
C ILE A 204 15.44 -13.44 5.60
N ILE A 205 15.05 -13.16 6.84
CA ILE A 205 15.23 -11.84 7.45
C ILE A 205 16.29 -11.98 8.52
N GLY A 206 17.27 -11.08 8.51
CA GLY A 206 18.38 -11.12 9.42
C GLY A 206 18.02 -10.66 10.81
N ASP A 207 19.03 -10.19 11.54
CA ASP A 207 18.85 -9.72 12.90
C ASP A 207 18.65 -8.20 12.91
N ARG A 208 17.91 -7.73 13.92
CA ARG A 208 17.76 -6.29 14.16
C ARG A 208 17.10 -5.60 12.97
N VAL A 209 16.17 -6.28 12.33
CA VAL A 209 15.44 -5.73 11.19
C VAL A 209 14.13 -5.17 11.70
N GLU A 210 13.78 -3.97 11.26
CA GLU A 210 12.51 -3.32 11.60
C GLU A 210 11.74 -3.08 10.31
N ILE A 211 10.48 -3.51 10.29
CA ILE A 211 9.61 -3.40 9.12
C ILE A 211 8.35 -2.65 9.52
N GLY A 212 7.95 -1.69 8.71
CA GLY A 212 6.80 -0.85 8.99
C GLY A 212 5.48 -1.57 8.81
N ALA A 213 4.41 -0.78 8.73
CA ALA A 213 3.05 -1.29 8.64
C ALA A 213 2.61 -1.43 7.19
N CYS A 214 1.82 -2.46 6.94
CA CYS A 214 1.27 -2.71 5.61
C CYS A 214 2.35 -2.77 4.55
N THR A 215 3.51 -3.32 4.91
CA THR A 215 4.56 -3.64 3.95
C THR A 215 4.45 -5.11 3.56
N THR A 216 4.80 -5.40 2.30
CA THR A 216 4.73 -6.76 1.79
C THR A 216 6.10 -7.17 1.31
N ILE A 217 6.53 -8.37 1.68
CA ILE A 217 7.81 -8.94 1.28
C ILE A 217 7.50 -10.32 0.73
N ASP A 218 7.64 -10.50 -0.57
CA ASP A 218 7.29 -11.77 -1.18
C ASP A 218 8.39 -12.79 -1.03
N ARG A 219 8.00 -14.05 -0.96
CA ARG A 219 8.95 -15.16 -0.93
C ARG A 219 9.58 -15.36 -2.31
N GLY A 220 10.73 -16.04 -2.33
CA GLY A 220 11.41 -16.30 -3.58
C GLY A 220 10.75 -17.38 -4.41
N ALA A 221 11.10 -17.40 -5.70
CA ALA A 221 10.53 -18.41 -6.59
C ALA A 221 11.11 -19.79 -6.32
N LEU A 222 12.42 -19.87 -6.13
CA LEU A 222 13.10 -21.12 -5.82
C LEU A 222 14.12 -20.89 -4.70
N ASP A 223 15.02 -19.96 -4.93
CA ASP A 223 15.89 -19.45 -3.88
C ASP A 223 15.15 -18.34 -3.15
N ASP A 224 15.82 -17.59 -2.28
CA ASP A 224 15.14 -16.83 -1.25
C ASP A 224 15.20 -15.32 -1.48
N THR A 225 14.18 -14.64 -0.98
CA THR A 225 14.25 -13.21 -0.74
C THR A 225 15.01 -12.99 0.57
N ILE A 226 15.95 -12.05 0.57
CA ILE A 226 16.88 -11.93 1.68
C ILE A 226 16.93 -10.48 2.15
N ILE A 227 16.66 -10.26 3.43
CA ILE A 227 16.78 -8.96 4.08
C ILE A 227 17.96 -9.03 5.05
N GLY A 228 18.96 -8.20 4.82
CA GLY A 228 20.16 -8.24 5.65
C GLY A 228 19.91 -7.74 7.07
N ASN A 229 20.94 -7.89 7.90
CA ASN A 229 20.86 -7.43 9.28
C ASN A 229 20.77 -5.92 9.35
N GLY A 230 20.07 -5.42 10.37
CA GLY A 230 20.02 -3.99 10.62
C GLY A 230 19.29 -3.18 9.58
N VAL A 231 18.61 -3.83 8.63
CA VAL A 231 17.79 -3.11 7.66
C VAL A 231 16.56 -2.53 8.33
N ILE A 232 16.17 -1.33 7.91
CA ILE A 232 14.91 -0.73 8.34
C ILE A 232 14.08 -0.44 7.09
N ILE A 233 12.80 -0.81 7.15
CA ILE A 233 11.86 -0.67 6.04
C ILE A 233 10.61 0.00 6.57
N ASP A 234 10.14 1.01 5.85
CA ASP A 234 9.04 1.86 6.30
C ASP A 234 7.69 1.21 5.93
N ASN A 235 6.62 1.99 6.00
CA ASN A 235 5.27 1.52 5.70
C ASN A 235 5.06 1.39 4.18
N GLN A 236 4.12 0.52 3.82
CA GLN A 236 3.58 0.47 2.46
C GLN A 236 4.63 0.15 1.40
N CYS A 237 5.70 -0.55 1.78
CA CYS A 237 6.71 -0.94 0.81
C CYS A 237 6.38 -2.29 0.20
N GLN A 238 6.81 -2.49 -1.04
CA GLN A 238 6.66 -3.77 -1.72
C GLN A 238 8.06 -4.27 -2.06
N ILE A 239 8.46 -5.39 -1.48
CA ILE A 239 9.73 -6.04 -1.79
C ILE A 239 9.38 -7.33 -2.53
N ALA A 240 9.69 -7.38 -3.82
CA ALA A 240 9.29 -8.48 -4.68
C ALA A 240 10.14 -9.73 -4.43
N HIS A 241 9.77 -10.81 -5.10
CA HIS A 241 10.46 -12.08 -4.90
C HIS A 241 11.92 -12.02 -5.32
N ASN A 242 12.78 -12.61 -4.50
CA ASN A 242 14.20 -12.76 -4.77
C ASN A 242 14.96 -11.44 -4.73
N VAL A 243 14.39 -10.41 -4.11
CA VAL A 243 15.16 -9.22 -3.80
C VAL A 243 16.15 -9.54 -2.69
N VAL A 244 17.33 -8.93 -2.76
CA VAL A 244 18.35 -9.04 -1.71
C VAL A 244 18.73 -7.64 -1.27
N ILE A 245 18.62 -7.36 0.02
CA ILE A 245 18.92 -6.05 0.57
C ILE A 245 20.08 -6.20 1.54
N GLY A 246 21.15 -5.43 1.32
CA GLY A 246 22.34 -5.55 2.13
C GLY A 246 22.18 -4.93 3.50
N ASP A 247 23.08 -5.33 4.41
CA ASP A 247 23.00 -4.92 5.81
C ASP A 247 22.90 -3.40 5.95
N ASN A 248 22.11 -2.96 6.92
CA ASN A 248 22.02 -1.57 7.37
C ASN A 248 21.40 -0.64 6.35
N THR A 249 20.82 -1.16 5.28
CA THR A 249 20.14 -0.31 4.32
C THR A 249 18.79 0.15 4.87
N ALA A 250 18.41 1.37 4.50
CA ALA A 250 17.13 1.96 4.89
C ALA A 250 16.25 2.14 3.66
N VAL A 251 14.98 1.76 3.79
CA VAL A 251 13.99 1.89 2.73
C VAL A 251 12.80 2.67 3.27
N ALA A 252 12.56 3.86 2.71
CA ALA A 252 11.50 4.72 3.23
C ALA A 252 10.15 4.30 2.68
N GLY A 253 9.09 4.98 3.13
CA GLY A 253 7.74 4.51 2.91
C GLY A 253 7.36 4.48 1.44
N GLY A 254 6.55 3.49 1.08
CA GLY A 254 5.94 3.43 -0.24
C GLY A 254 6.88 3.11 -1.38
N VAL A 255 8.06 2.56 -1.08
CA VAL A 255 8.99 2.15 -2.12
C VAL A 255 8.50 0.85 -2.75
N ILE A 256 8.61 0.76 -4.07
CA ILE A 256 8.19 -0.42 -4.82
C ILE A 256 9.41 -0.99 -5.51
N MET A 257 9.77 -2.23 -5.19
CA MET A 257 10.92 -2.90 -5.78
C MET A 257 10.46 -4.10 -6.61
N ALA A 258 11.03 -4.23 -7.81
CA ALA A 258 10.73 -5.35 -8.68
C ALA A 258 11.64 -6.54 -8.35
N GLY A 259 11.32 -7.68 -8.94
CA GLY A 259 11.99 -8.91 -8.55
C GLY A 259 13.46 -8.96 -8.92
N SER A 260 14.22 -9.67 -8.09
CA SER A 260 15.63 -9.95 -8.30
C SER A 260 16.50 -8.70 -8.27
N LEU A 261 16.02 -7.64 -7.64
CA LEU A 261 16.87 -6.50 -7.36
C LEU A 261 17.86 -6.85 -6.24
N LYS A 262 19.09 -6.38 -6.39
CA LYS A 262 20.08 -6.49 -5.33
C LYS A 262 20.49 -5.09 -4.90
N ILE A 263 20.31 -4.79 -3.61
CA ILE A 263 20.72 -3.51 -3.03
C ILE A 263 21.86 -3.79 -2.06
N GLY A 264 22.90 -2.96 -2.14
CA GLY A 264 24.08 -3.14 -1.30
C GLY A 264 23.87 -2.72 0.14
N ARG A 265 24.97 -2.54 0.87
CA ARG A 265 24.93 -2.13 2.26
C ARG A 265 24.89 -0.61 2.38
N TYR A 266 24.36 -0.13 3.51
CA TYR A 266 24.37 1.29 3.85
C TYR A 266 23.72 2.14 2.78
N CYS A 267 22.74 1.60 2.07
CA CYS A 267 21.99 2.38 1.10
C CYS A 267 20.82 3.07 1.78
N MET A 268 20.32 4.11 1.13
CA MET A 268 19.14 4.83 1.59
C MET A 268 18.24 5.10 0.40
N ILE A 269 17.04 4.52 0.42
CA ILE A 269 16.10 4.61 -0.69
C ILE A 269 14.97 5.54 -0.26
N GLY A 270 14.86 6.67 -0.92
CA GLY A 270 13.87 7.67 -0.53
C GLY A 270 12.45 7.21 -0.79
N GLY A 271 11.53 7.82 -0.04
CA GLY A 271 10.15 7.37 -0.07
C GLY A 271 9.54 7.47 -1.46
N ALA A 272 8.67 6.51 -1.77
CA ALA A 272 7.90 6.45 -3.01
C ALA A 272 8.77 6.18 -4.23
N SER A 273 10.03 5.78 -4.03
CA SER A 273 10.87 5.42 -5.16
C SER A 273 10.37 4.14 -5.82
N VAL A 274 10.76 3.96 -7.08
CA VAL A 274 10.40 2.78 -7.85
C VAL A 274 11.69 2.22 -8.43
N ILE A 275 12.03 0.98 -8.05
CA ILE A 275 13.28 0.36 -8.44
C ILE A 275 12.96 -0.87 -9.27
N ASN A 276 13.44 -0.89 -10.52
CA ASN A 276 13.22 -2.04 -11.37
C ASN A 276 14.15 -3.19 -10.98
N GLY A 277 13.89 -4.36 -11.56
CA GLY A 277 14.50 -5.59 -11.13
C GLY A 277 15.62 -6.08 -12.03
N HIS A 278 16.17 -7.24 -11.64
CA HIS A 278 17.26 -7.89 -12.37
C HIS A 278 18.42 -6.92 -12.58
N MET A 279 18.77 -6.23 -11.51
CA MET A 279 19.86 -5.26 -11.52
C MET A 279 20.35 -5.07 -10.10
N GLU A 280 21.48 -4.39 -9.97
CA GLU A 280 22.12 -4.23 -8.67
C GLU A 280 22.42 -2.77 -8.39
N ILE A 281 22.21 -2.36 -7.14
CA ILE A 281 22.63 -1.08 -6.62
C ILE A 281 23.78 -1.34 -5.66
N CYS A 282 24.88 -0.61 -5.84
CA CYS A 282 26.08 -0.86 -5.04
C CYS A 282 25.94 -0.25 -3.65
N ASP A 283 26.95 -0.51 -2.82
CA ASP A 283 26.96 -0.01 -1.46
C ASP A 283 26.94 1.52 -1.43
N LYS A 284 26.33 2.08 -0.38
CA LYS A 284 26.44 3.50 -0.06
C LYS A 284 25.81 4.39 -1.13
N VAL A 285 24.65 4.00 -1.62
CA VAL A 285 23.89 4.76 -2.60
C VAL A 285 22.68 5.36 -1.93
N THR A 286 22.42 6.64 -2.18
CA THR A 286 21.23 7.33 -1.73
C THR A 286 20.38 7.67 -2.95
N VAL A 287 19.14 7.21 -2.96
CA VAL A 287 18.14 7.60 -3.95
C VAL A 287 17.15 8.51 -3.25
N THR A 288 16.98 9.73 -3.77
CA THR A 288 16.06 10.66 -3.16
C THR A 288 14.61 10.31 -3.52
N GLY A 289 13.67 10.91 -2.79
CA GLY A 289 12.26 10.61 -2.92
C GLY A 289 11.72 10.56 -4.33
N MET A 290 10.91 9.55 -4.61
CA MET A 290 10.23 9.35 -5.89
C MET A 290 11.19 9.05 -7.02
N GLY A 291 12.39 8.58 -6.70
CA GLY A 291 13.35 8.26 -7.74
C GLY A 291 12.85 7.15 -8.64
N MET A 292 13.08 7.33 -9.95
CA MET A 292 12.72 6.34 -10.96
C MET A 292 14.00 5.60 -11.36
N VAL A 293 14.25 4.47 -10.72
CA VAL A 293 15.50 3.75 -10.88
C VAL A 293 15.30 2.69 -11.94
N MET A 294 15.73 3.00 -13.18
CA MET A 294 15.62 2.07 -14.29
C MET A 294 16.91 1.29 -14.54
N ARG A 295 18.05 1.81 -14.14
CA ARG A 295 19.35 1.26 -14.49
C ARG A 295 20.16 0.92 -13.25
N PRO A 296 21.10 -0.01 -13.37
CA PRO A 296 21.98 -0.31 -12.22
C PRO A 296 22.77 0.92 -11.79
N ILE A 297 23.06 0.98 -10.50
CA ILE A 297 23.85 2.06 -9.92
C ILE A 297 25.17 1.46 -9.47
N THR A 298 26.26 1.84 -10.14
CA THR A 298 27.56 1.21 -9.94
C THR A 298 28.54 2.07 -9.14
N GLU A 299 28.16 3.29 -8.77
CA GLU A 299 29.03 4.14 -7.97
C GLU A 299 28.24 4.70 -6.79
N PRO A 300 28.86 4.79 -5.61
CA PRO A 300 28.17 5.41 -4.48
C PRO A 300 27.91 6.89 -4.74
N GLY A 301 26.96 7.43 -4.00
CA GLY A 301 26.60 8.82 -4.13
C GLY A 301 25.09 8.97 -4.08
N VAL A 302 24.64 10.19 -4.39
CA VAL A 302 23.24 10.58 -4.30
C VAL A 302 22.69 10.66 -5.72
N TYR A 303 21.50 10.11 -5.92
CA TYR A 303 20.85 10.07 -7.23
C TYR A 303 19.41 10.55 -7.08
N SER A 304 18.90 11.18 -8.14
CA SER A 304 17.59 11.82 -8.08
C SER A 304 16.92 11.80 -9.45
N SER A 305 15.59 11.96 -9.44
CA SER A 305 14.83 12.02 -10.68
C SER A 305 13.54 12.78 -10.42
N GLY A 306 12.91 13.23 -11.50
CA GLY A 306 11.59 13.80 -11.40
C GLY A 306 11.61 15.31 -11.63
N ILE A 307 10.54 15.79 -12.26
CA ILE A 307 10.34 17.22 -12.50
C ILE A 307 9.41 17.75 -11.42
N PRO A 308 9.85 18.67 -10.55
CA PRO A 308 9.07 19.02 -9.37
C PRO A 308 7.84 19.87 -9.71
N LEU A 309 7.08 20.13 -8.66
CA LEU A 309 5.78 20.79 -8.77
C LEU A 309 5.90 22.20 -9.33
N GLN A 310 4.89 22.60 -10.09
CA GLN A 310 4.75 23.97 -10.57
C GLN A 310 3.28 24.36 -10.45
N PRO A 311 2.98 25.66 -10.46
CA PRO A 311 1.59 26.07 -10.61
C PRO A 311 1.00 25.44 -11.85
N ASN A 312 -0.29 25.10 -11.79
CA ASN A 312 -0.88 24.30 -12.86
C ASN A 312 -0.76 24.98 -14.21
N LYS A 313 -0.99 26.30 -14.26
CA LYS A 313 -0.87 27.00 -15.53
C LYS A 313 0.53 26.85 -16.11
N VAL A 314 1.56 26.96 -15.26
CA VAL A 314 2.93 26.79 -15.72
C VAL A 314 3.18 25.34 -16.13
N TRP A 315 2.70 24.40 -15.33
CA TRP A 315 2.91 22.99 -15.64
C TRP A 315 2.36 22.64 -17.02
N ARG A 316 1.16 23.12 -17.35
CA ARG A 316 0.57 22.80 -18.64
C ARG A 316 1.53 23.13 -19.78
N LYS A 317 2.19 24.28 -19.70
CA LYS A 317 3.13 24.65 -20.75
C LYS A 317 4.41 23.82 -20.67
N THR A 318 4.92 23.60 -19.45
CA THR A 318 6.12 22.79 -19.27
C THR A 318 5.93 21.40 -19.86
N ALA A 319 4.83 20.74 -19.49
CA ALA A 319 4.60 19.38 -19.96
C ALA A 319 4.40 19.33 -21.48
N ALA A 320 3.67 20.31 -22.03
CA ALA A 320 3.47 20.33 -23.48
C ALA A 320 4.78 20.50 -24.22
N LEU A 321 5.63 21.41 -23.76
CA LEU A 321 6.93 21.60 -24.40
C LEU A 321 7.81 20.37 -24.26
N VAL A 322 7.81 19.75 -23.09
CA VAL A 322 8.66 18.57 -22.88
C VAL A 322 8.22 17.43 -23.78
N MET A 323 6.90 17.23 -23.92
CA MET A 323 6.42 16.14 -24.77
C MET A 323 6.77 16.37 -26.24
N ASN A 324 6.97 17.64 -26.64
CA ASN A 324 7.39 17.96 -27.99
C ASN A 324 8.87 18.30 -28.07
N ILE A 325 9.68 17.78 -27.14
CA ILE A 325 11.08 18.17 -27.11
C ILE A 325 11.82 17.62 -28.33
N ASP A 326 11.36 16.51 -28.90
CA ASP A 326 11.98 16.00 -30.12
C ASP A 326 11.94 17.05 -31.22
N ASP A 327 10.81 17.73 -31.37
CA ASP A 327 10.71 18.77 -32.40
C ASP A 327 11.59 19.96 -32.06
N MET A 328 11.67 20.33 -30.78
CA MET A 328 12.62 21.37 -30.38
C MET A 328 14.04 20.96 -30.76
N SER A 329 14.40 19.70 -30.52
CA SER A 329 15.73 19.21 -30.86
C SER A 329 15.97 19.27 -32.36
N LYS A 330 15.00 18.80 -33.16
CA LYS A 330 15.15 18.87 -34.60
C LYS A 330 15.33 20.31 -35.07
N ARG A 331 14.56 21.23 -34.49
CA ARG A 331 14.65 22.64 -34.90
C ARG A 331 16.01 23.22 -34.53
N LEU A 332 16.55 22.86 -33.36
CA LEU A 332 17.88 23.33 -32.99
C LEU A 332 18.93 22.81 -33.96
N LYS A 333 18.85 21.51 -34.30
CA LYS A 333 19.81 20.95 -35.24
C LYS A 333 19.71 21.61 -36.60
N SER A 334 18.48 21.91 -37.05
CA SER A 334 18.31 22.61 -38.31
C SER A 334 18.95 23.98 -38.26
N LEU A 335 18.70 24.73 -37.18
CA LEU A 335 19.26 26.07 -37.05
C LEU A 335 20.77 26.04 -37.03
N GLU A 336 21.36 25.05 -36.33
CA GLU A 336 22.81 24.89 -36.36
C GLU A 336 23.30 24.65 -37.79
N ARG A 337 22.62 23.76 -38.52
CA ARG A 337 23.03 23.46 -39.89
C ARG A 337 22.99 24.71 -40.77
N LYS A 338 21.95 25.53 -40.59
CA LYS A 338 21.81 26.73 -41.43
C LYS A 338 22.87 27.76 -41.08
N VAL A 339 23.16 27.94 -39.80
CA VAL A 339 24.12 28.94 -39.36
C VAL A 339 25.56 28.47 -39.60
N GLY B 4 4.39 -36.86 -2.74
CA GLY B 4 4.95 -35.74 -3.49
C GLY B 4 5.97 -36.22 -4.51
N SER B 5 6.85 -37.14 -4.09
CA SER B 5 7.93 -37.61 -4.95
C SER B 5 7.38 -38.52 -6.05
N ILE B 6 8.06 -38.51 -7.19
CA ILE B 6 7.58 -39.14 -8.41
C ILE B 6 8.77 -39.69 -9.18
N ARG B 7 8.59 -40.85 -9.79
CA ARG B 7 9.64 -41.40 -10.66
C ARG B 7 9.84 -40.50 -11.87
N LEU B 8 11.10 -40.38 -12.30
CA LEU B 8 11.40 -39.46 -13.40
C LEU B 8 10.63 -39.81 -14.66
N ALA B 9 10.46 -41.10 -14.93
CA ALA B 9 9.71 -41.52 -16.11
C ALA B 9 8.27 -41.02 -16.04
N ASP B 10 7.64 -41.16 -14.88
CA ASP B 10 6.26 -40.71 -14.73
C ASP B 10 6.17 -39.18 -14.84
N LEU B 11 7.14 -38.47 -14.28
CA LEU B 11 7.16 -37.02 -14.43
C LEU B 11 7.30 -36.62 -15.89
N ALA B 12 8.21 -37.27 -16.62
CA ALA B 12 8.38 -36.99 -18.03
C ALA B 12 7.07 -37.18 -18.78
N GLN B 13 6.37 -38.28 -18.51
CA GLN B 13 5.10 -38.55 -19.17
C GLN B 13 4.10 -37.42 -18.92
N GLN B 14 3.97 -37.00 -17.67
CA GLN B 14 2.98 -35.97 -17.33
C GLN B 14 3.37 -34.62 -17.91
N LEU B 15 4.65 -34.38 -18.15
CA LEU B 15 5.12 -33.14 -18.77
C LEU B 15 5.20 -33.24 -20.29
N ASP B 16 4.91 -34.41 -20.86
CA ASP B 16 5.07 -34.64 -22.29
C ASP B 16 6.51 -34.36 -22.73
N ALA B 17 7.45 -34.78 -21.89
CA ALA B 17 8.87 -34.58 -22.14
C ALA B 17 9.52 -35.87 -22.63
N GLU B 18 10.57 -35.72 -23.43
CA GLU B 18 11.36 -36.86 -23.88
C GLU B 18 12.43 -37.16 -22.84
N LEU B 19 12.40 -38.36 -22.29
CA LEU B 19 13.33 -38.73 -21.23
C LEU B 19 14.64 -39.24 -21.84
N HIS B 20 15.75 -38.70 -21.34
CA HIS B 20 17.09 -39.19 -21.67
C HIS B 20 17.78 -39.47 -20.35
N GLY B 21 17.76 -40.73 -19.93
CA GLY B 21 18.36 -41.12 -18.67
C GLY B 21 17.50 -42.14 -17.95
N ASP B 22 17.83 -42.34 -16.68
CA ASP B 22 17.24 -43.40 -15.87
C ASP B 22 15.85 -43.00 -15.41
N GLY B 23 14.82 -43.62 -15.97
CA GLY B 23 13.45 -43.30 -15.61
C GLY B 23 13.10 -43.64 -14.17
N ASP B 24 13.87 -44.53 -13.54
CA ASP B 24 13.59 -44.92 -12.16
C ASP B 24 14.09 -43.90 -11.14
N ILE B 25 14.82 -42.88 -11.58
CA ILE B 25 15.25 -41.83 -10.65
C ILE B 25 14.04 -41.25 -9.93
N VAL B 26 14.17 -41.04 -8.64
CA VAL B 26 13.09 -40.53 -7.81
C VAL B 26 13.33 -39.04 -7.60
N ILE B 27 12.41 -38.22 -8.11
CA ILE B 27 12.45 -36.77 -7.96
C ILE B 27 11.60 -36.40 -6.77
N THR B 28 12.15 -35.58 -5.86
CA THR B 28 11.43 -35.16 -4.67
C THR B 28 10.98 -33.70 -4.71
N GLY B 29 11.51 -32.90 -5.61
CA GLY B 29 11.12 -31.50 -5.66
C GLY B 29 11.89 -30.75 -6.73
N VAL B 30 11.59 -29.45 -6.82
CA VAL B 30 12.21 -28.56 -7.79
C VAL B 30 13.19 -27.65 -7.05
N ALA B 31 14.25 -27.28 -7.75
CA ALA B 31 15.25 -26.39 -7.19
C ALA B 31 15.91 -25.61 -8.32
N SER B 32 16.53 -24.49 -7.96
CA SER B 32 17.33 -23.75 -8.92
C SER B 32 18.57 -24.56 -9.29
N MET B 33 19.18 -24.19 -10.42
CA MET B 33 20.39 -24.88 -10.86
C MET B 33 21.49 -24.79 -9.81
N GLN B 34 21.65 -23.61 -9.20
CA GLN B 34 22.73 -23.41 -8.24
C GLN B 34 22.51 -24.20 -6.95
N SER B 35 21.26 -24.42 -6.56
CA SER B 35 20.94 -25.05 -5.28
C SER B 35 20.57 -26.52 -5.40
N ALA B 36 20.39 -27.04 -6.60
CA ALA B 36 19.83 -28.38 -6.76
C ALA B 36 20.78 -29.44 -6.24
N GLN B 37 20.23 -30.44 -5.55
CA GLN B 37 20.97 -31.60 -5.05
C GLN B 37 20.27 -32.88 -5.48
N THR B 38 20.79 -34.01 -5.02
CA THR B 38 20.21 -35.31 -5.38
C THR B 38 18.72 -35.33 -5.05
N GLY B 39 17.92 -35.80 -6.00
CA GLY B 39 16.48 -35.85 -5.86
C GLY B 39 15.76 -34.68 -6.46
N HIS B 40 16.47 -33.60 -6.78
CA HIS B 40 15.85 -32.41 -7.34
C HIS B 40 15.85 -32.45 -8.85
N ILE B 41 14.82 -31.88 -9.44
CA ILE B 41 14.78 -31.59 -10.87
C ILE B 41 14.90 -30.09 -11.03
N THR B 42 15.68 -29.67 -12.03
CA THR B 42 15.84 -28.26 -12.30
C THR B 42 15.64 -28.04 -13.79
N PHE B 43 15.91 -26.83 -14.29
CA PHE B 43 15.70 -26.52 -15.68
C PHE B 43 16.77 -25.53 -16.14
N MET B 44 17.02 -25.50 -17.44
CA MET B 44 17.94 -24.55 -18.04
C MET B 44 17.24 -23.82 -19.17
N VAL B 45 17.19 -22.50 -19.06
CA VAL B 45 16.64 -21.65 -20.12
C VAL B 45 17.73 -20.88 -20.86
N ASN B 46 18.89 -20.66 -20.24
CA ASN B 46 19.96 -19.85 -20.83
C ASN B 46 21.11 -20.74 -21.28
N PRO B 47 21.38 -20.86 -22.57
CA PRO B 47 22.43 -21.78 -23.03
C PRO B 47 23.83 -21.41 -22.56
N LYS B 48 24.03 -20.21 -22.00
CA LYS B 48 25.34 -19.87 -21.45
C LYS B 48 25.73 -20.80 -20.31
N TYR B 49 24.77 -21.49 -19.70
CA TYR B 49 25.06 -22.41 -18.60
C TYR B 49 25.36 -23.83 -19.05
N ARG B 50 25.41 -24.09 -20.36
CA ARG B 50 25.76 -25.43 -20.81
C ARG B 50 27.08 -25.89 -20.23
N GLU B 51 28.09 -25.01 -20.27
CA GLU B 51 29.39 -25.34 -19.69
C GLU B 51 29.33 -25.51 -18.17
N HIS B 52 28.24 -25.05 -17.55
CA HIS B 52 28.10 -25.07 -16.09
C HIS B 52 27.34 -26.29 -15.59
N LEU B 53 26.81 -27.13 -16.48
CA LEU B 53 25.96 -28.23 -16.05
C LEU B 53 26.71 -29.28 -15.25
N GLY B 54 28.03 -29.38 -15.41
CA GLY B 54 28.81 -30.29 -14.59
C GLY B 54 28.86 -29.90 -13.13
N LEU B 55 28.62 -28.63 -12.83
CA LEU B 55 28.59 -28.15 -11.45
C LEU B 55 27.22 -28.28 -10.80
N CYS B 56 26.17 -28.43 -11.60
CA CYS B 56 24.82 -28.62 -11.07
C CYS B 56 24.65 -30.07 -10.61
N GLN B 57 24.22 -30.25 -9.36
CA GLN B 57 24.06 -31.58 -8.79
C GLN B 57 22.60 -32.02 -8.76
N ALA B 58 21.74 -31.42 -9.59
CA ALA B 58 20.38 -31.92 -9.74
C ALA B 58 20.39 -33.34 -10.28
N SER B 59 19.35 -34.10 -9.94
CA SER B 59 19.19 -35.44 -10.48
C SER B 59 18.70 -35.44 -11.93
N ALA B 60 18.05 -34.36 -12.37
CA ALA B 60 17.53 -34.27 -13.72
C ALA B 60 17.41 -32.80 -14.09
N VAL B 61 17.60 -32.50 -15.38
CA VAL B 61 17.54 -31.13 -15.87
C VAL B 61 16.61 -31.09 -17.07
N VAL B 62 15.66 -30.14 -17.05
CA VAL B 62 14.80 -29.86 -18.19
C VAL B 62 15.54 -28.92 -19.14
N MET B 63 15.57 -29.27 -20.43
CA MET B 63 16.32 -28.51 -21.41
C MET B 63 15.71 -28.75 -22.79
N THR B 64 16.28 -28.08 -23.80
CA THR B 64 15.86 -28.29 -25.17
C THR B 64 16.74 -29.31 -25.86
N GLN B 65 16.37 -29.66 -27.10
CA GLN B 65 17.16 -30.60 -27.88
C GLN B 65 18.55 -30.05 -28.18
N ASP B 66 18.68 -28.74 -28.35
CA ASP B 66 19.98 -28.16 -28.63
C ASP B 66 20.90 -28.22 -27.41
N ASP B 67 20.33 -28.27 -26.21
CA ASP B 67 21.13 -28.40 -24.99
C ASP B 67 21.60 -29.82 -24.76
N LEU B 68 20.90 -30.81 -25.30
CA LEU B 68 21.11 -32.20 -24.90
C LEU B 68 22.57 -32.66 -24.99
N PRO B 69 23.34 -32.36 -26.04
CA PRO B 69 24.73 -32.84 -26.08
C PRO B 69 25.56 -32.37 -24.89
N PHE B 70 25.14 -31.32 -24.20
CA PHE B 70 25.88 -30.75 -23.09
C PHE B 70 25.44 -31.31 -21.74
N ALA B 71 24.49 -32.26 -21.73
CA ALA B 71 23.95 -32.74 -20.47
C ALA B 71 25.00 -33.51 -19.69
N LYS B 72 24.95 -33.36 -18.37
CA LYS B 72 25.74 -34.15 -17.42
C LYS B 72 24.85 -34.72 -16.34
N SER B 73 23.70 -35.24 -16.76
CA SER B 73 22.67 -35.75 -15.87
C SER B 73 21.56 -36.30 -16.75
N ALA B 74 20.62 -37.02 -16.12
CA ALA B 74 19.37 -37.32 -16.81
C ALA B 74 18.75 -36.02 -17.29
N ALA B 75 18.12 -36.07 -18.45
CA ALA B 75 17.60 -34.87 -19.09
C ALA B 75 16.18 -35.10 -19.59
N LEU B 76 15.33 -34.10 -19.38
CA LEU B 76 14.00 -34.07 -19.97
C LEU B 76 14.00 -33.02 -21.07
N VAL B 77 13.81 -33.45 -22.32
CA VAL B 77 13.87 -32.57 -23.47
C VAL B 77 12.46 -32.10 -23.81
N VAL B 78 12.30 -30.79 -23.96
CA VAL B 78 11.02 -30.16 -24.27
C VAL B 78 11.27 -28.99 -25.21
N LYS B 79 10.19 -28.47 -25.79
CA LYS B 79 10.29 -27.26 -26.60
C LYS B 79 10.41 -26.01 -25.76
N ASN B 80 9.83 -26.00 -24.56
CA ASN B 80 9.67 -24.79 -23.75
C ASN B 80 10.05 -25.12 -22.32
N PRO B 81 11.34 -25.05 -21.98
CA PRO B 81 11.75 -25.36 -20.61
C PRO B 81 11.06 -24.52 -19.54
N TYR B 82 10.79 -23.24 -19.83
CA TYR B 82 10.19 -22.37 -18.83
C TYR B 82 8.75 -22.80 -18.51
N LEU B 83 7.97 -23.10 -19.54
CA LEU B 83 6.60 -23.56 -19.31
C LEU B 83 6.58 -24.92 -18.64
N THR B 84 7.49 -25.81 -19.06
CA THR B 84 7.59 -27.11 -18.41
C THR B 84 7.96 -26.96 -16.94
N TYR B 85 8.83 -26.00 -16.63
CA TYR B 85 9.19 -25.73 -15.24
C TYR B 85 7.96 -25.30 -14.45
N ALA B 86 7.14 -24.44 -15.02
CA ALA B 86 5.90 -24.04 -14.34
C ALA B 86 5.02 -25.25 -14.06
N ARG B 87 4.85 -26.12 -15.06
CA ARG B 87 3.99 -27.28 -14.88
CA ARG B 87 3.99 -27.28 -14.89
C ARG B 87 4.57 -28.26 -13.86
N MET B 88 5.89 -28.49 -13.91
CA MET B 88 6.48 -29.44 -12.97
C MET B 88 6.54 -28.85 -11.56
N ALA B 89 6.70 -27.53 -11.44
CA ALA B 89 6.61 -26.91 -10.12
C ALA B 89 5.23 -27.06 -9.52
N GLN B 90 4.19 -27.04 -10.35
CA GLN B 90 2.84 -27.30 -9.84
C GLN B 90 2.71 -28.75 -9.39
N ILE B 91 3.28 -29.69 -10.16
CA ILE B 91 3.17 -31.09 -9.80
C ILE B 91 3.88 -31.38 -8.48
N LEU B 92 5.04 -30.75 -8.27
CA LEU B 92 5.84 -30.94 -7.07
C LEU B 92 5.71 -29.79 -6.08
N ASP B 93 4.56 -29.10 -6.10
CA ASP B 93 4.37 -27.93 -5.25
C ASP B 93 4.41 -28.32 -3.77
N THR B 94 5.24 -27.61 -3.00
CA THR B 94 5.33 -27.80 -1.57
C THR B 94 4.51 -26.79 -0.77
N THR B 95 3.77 -25.92 -1.46
CA THR B 95 3.01 -24.88 -0.77
C THR B 95 1.88 -25.52 0.02
N PRO B 96 1.77 -25.26 1.32
CA PRO B 96 0.65 -25.81 2.09
C PRO B 96 -0.65 -25.10 1.76
N GLN B 97 -1.75 -25.68 2.24
CA GLN B 97 -3.05 -25.05 2.07
C GLN B 97 -3.28 -24.03 3.20
N PRO B 98 -4.07 -22.98 2.92
CA PRO B 98 -4.35 -21.99 3.98
C PRO B 98 -5.03 -22.61 5.19
N ALA B 99 -5.76 -23.70 5.01
CA ALA B 99 -6.46 -24.33 6.13
C ALA B 99 -6.87 -25.74 5.71
N GLN B 100 -7.25 -26.53 6.70
CA GLN B 100 -7.74 -27.89 6.48
C GLN B 100 -8.85 -28.16 7.47
N ASN B 101 -9.99 -28.65 6.98
CA ASN B 101 -11.15 -28.88 7.84
C ASN B 101 -11.72 -27.55 8.30
N ILE B 102 -12.68 -27.58 9.23
CA ILE B 102 -13.33 -26.39 9.76
C ILE B 102 -12.83 -26.18 11.18
N ALA B 103 -12.14 -25.07 11.42
CA ALA B 103 -11.50 -24.85 12.70
C ALA B 103 -12.55 -24.59 13.79
N PRO B 104 -12.36 -25.14 14.99
CA PRO B 104 -13.32 -24.86 16.08
C PRO B 104 -13.37 -23.40 16.47
N SER B 105 -12.30 -22.63 16.24
CA SER B 105 -12.27 -21.23 16.61
C SER B 105 -12.85 -20.31 15.54
N ALA B 106 -13.17 -20.84 14.36
CA ALA B 106 -13.85 -20.05 13.36
C ALA B 106 -15.27 -19.76 13.80
N VAL B 107 -15.77 -18.58 13.42
CA VAL B 107 -17.12 -18.14 13.78
C VAL B 107 -17.92 -18.05 12.49
N ILE B 108 -18.90 -18.94 12.34
CA ILE B 108 -19.62 -19.14 11.09
C ILE B 108 -21.10 -18.95 11.38
N ASP B 109 -21.72 -18.00 10.69
CA ASP B 109 -23.14 -17.73 10.89
C ASP B 109 -23.97 -18.94 10.48
N ALA B 110 -25.06 -19.17 11.21
CA ALA B 110 -25.86 -20.36 11.00
C ALA B 110 -26.44 -20.42 9.59
N THR B 111 -26.62 -19.28 8.94
CA THR B 111 -27.21 -19.24 7.61
C THR B 111 -26.18 -19.32 6.49
N ALA B 112 -24.90 -19.47 6.81
CA ALA B 112 -23.90 -19.67 5.77
C ALA B 112 -24.08 -21.06 5.17
N LYS B 113 -23.80 -21.16 3.87
CA LYS B 113 -23.95 -22.39 3.12
C LYS B 113 -22.59 -22.82 2.57
N LEU B 114 -22.14 -24.01 2.94
CA LEU B 114 -20.85 -24.53 2.53
C LEU B 114 -21.02 -25.73 1.61
N GLY B 115 -20.21 -25.77 0.56
CA GLY B 115 -20.15 -26.94 -0.31
C GLY B 115 -19.37 -28.06 0.34
N ASN B 116 -18.95 -29.00 -0.49
CA ASN B 116 -18.22 -30.16 0.00
C ASN B 116 -16.74 -29.86 0.12
N ASN B 117 -16.10 -30.46 1.12
CA ASN B 117 -14.66 -30.36 1.31
C ASN B 117 -14.22 -28.90 1.43
N VAL B 118 -14.96 -28.12 2.20
CA VAL B 118 -14.58 -26.74 2.51
C VAL B 118 -13.69 -26.73 3.74
N SER B 119 -12.65 -25.90 3.71
CA SER B 119 -11.76 -25.72 4.85
C SER B 119 -11.82 -24.27 5.29
N ILE B 120 -11.91 -24.06 6.60
CA ILE B 120 -11.98 -22.72 7.19
C ILE B 120 -10.97 -22.64 8.31
N GLY B 121 -10.09 -21.65 8.25
CA GLY B 121 -8.99 -21.55 9.19
C GLY B 121 -9.39 -20.96 10.53
N ALA B 122 -8.48 -21.10 11.48
CA ALA B 122 -8.72 -20.64 12.84
C ALA B 122 -9.09 -19.17 12.88
N ASN B 123 -10.11 -18.85 13.66
CA ASN B 123 -10.55 -17.48 13.94
C ASN B 123 -11.03 -16.74 12.69
N ALA B 124 -11.26 -17.44 11.59
CA ALA B 124 -11.96 -16.83 10.47
C ALA B 124 -13.39 -16.51 10.88
N VAL B 125 -13.97 -15.50 10.23
CA VAL B 125 -15.31 -15.02 10.56
C VAL B 125 -16.11 -15.02 9.26
N ILE B 126 -17.24 -15.72 9.27
CA ILE B 126 -18.10 -15.88 8.10
C ILE B 126 -19.48 -15.34 8.44
N GLU B 127 -19.92 -14.33 7.70
CA GLU B 127 -21.15 -13.63 8.02
C GLU B 127 -22.37 -14.38 7.48
N SER B 128 -23.55 -13.85 7.80
CA SER B 128 -24.80 -14.47 7.37
C SER B 128 -24.92 -14.44 5.85
N GLY B 129 -25.60 -15.46 5.30
CA GLY B 129 -25.89 -15.51 3.90
C GLY B 129 -24.73 -15.82 2.98
N VAL B 130 -23.53 -16.05 3.54
CA VAL B 130 -22.37 -16.33 2.71
C VAL B 130 -22.50 -17.73 2.11
N GLU B 131 -22.04 -17.87 0.88
CA GLU B 131 -22.02 -19.16 0.18
C GLU B 131 -20.59 -19.46 -0.23
N LEU B 132 -20.07 -20.58 0.25
CA LEU B 132 -18.74 -21.06 -0.11
C LEU B 132 -18.89 -22.31 -0.97
N GLY B 133 -18.31 -22.30 -2.16
CA GLY B 133 -18.42 -23.43 -3.07
C GLY B 133 -17.55 -24.60 -2.67
N ASP B 134 -17.70 -25.69 -3.41
CA ASP B 134 -16.92 -26.89 -3.15
C ASP B 134 -15.43 -26.59 -3.16
N ASN B 135 -14.72 -27.18 -2.21
CA ASN B 135 -13.25 -27.14 -2.15
C ASN B 135 -12.71 -25.75 -1.86
N VAL B 136 -13.56 -24.82 -1.42
CA VAL B 136 -13.08 -23.49 -1.05
C VAL B 136 -12.27 -23.57 0.24
N ILE B 137 -11.19 -22.78 0.30
CA ILE B 137 -10.34 -22.71 1.48
C ILE B 137 -10.29 -21.27 1.96
N ILE B 138 -10.67 -21.06 3.22
CA ILE B 138 -10.64 -19.74 3.86
C ILE B 138 -9.55 -19.77 4.91
N GLY B 139 -8.53 -18.93 4.75
CA GLY B 139 -7.41 -18.92 5.68
C GLY B 139 -7.79 -18.39 7.05
N ALA B 140 -6.83 -18.52 7.97
CA ALA B 140 -7.03 -18.06 9.33
C ALA B 140 -7.24 -16.55 9.38
N GLY B 141 -8.09 -16.11 10.31
CA GLY B 141 -8.30 -14.70 10.53
C GLY B 141 -9.03 -13.96 9.43
N CYS B 142 -9.54 -14.66 8.42
CA CYS B 142 -10.25 -13.98 7.34
C CYS B 142 -11.60 -13.47 7.84
N PHE B 143 -12.14 -12.50 7.10
CA PHE B 143 -13.51 -12.03 7.26
C PHE B 143 -14.20 -12.08 5.91
N VAL B 144 -15.37 -12.71 5.85
CA VAL B 144 -16.18 -12.74 4.64
C VAL B 144 -17.55 -12.17 4.99
N GLY B 145 -17.91 -11.06 4.36
CA GLY B 145 -19.07 -10.29 4.75
C GLY B 145 -20.39 -10.85 4.22
N LYS B 146 -21.47 -10.22 4.68
CA LYS B 146 -22.82 -10.74 4.47
C LYS B 146 -23.13 -10.98 3.00
N ASN B 147 -23.68 -12.17 2.72
CA ASN B 147 -24.24 -12.52 1.41
C ASN B 147 -23.18 -12.64 0.32
N SER B 148 -21.90 -12.69 0.68
CA SER B 148 -20.87 -12.84 -0.34
C SER B 148 -20.79 -14.30 -0.79
N LYS B 149 -20.37 -14.49 -2.04
CA LYS B 149 -20.30 -15.81 -2.65
C LYS B 149 -18.88 -16.03 -3.19
N ILE B 150 -18.32 -17.19 -2.88
CA ILE B 150 -16.98 -17.56 -3.32
C ILE B 150 -17.08 -18.90 -4.05
N GLY B 151 -16.62 -18.92 -5.30
CA GLY B 151 -16.82 -20.07 -6.14
C GLY B 151 -15.88 -21.23 -5.83
N ALA B 152 -16.27 -22.40 -6.33
CA ALA B 152 -15.54 -23.64 -6.03
C ALA B 152 -14.06 -23.51 -6.35
N GLY B 153 -13.24 -24.10 -5.48
CA GLY B 153 -11.81 -24.14 -5.69
C GLY B 153 -11.06 -22.88 -5.30
N SER B 154 -11.76 -21.78 -5.02
CA SER B 154 -11.10 -20.54 -4.65
C SER B 154 -10.51 -20.65 -3.24
N ARG B 155 -9.40 -19.93 -3.03
CA ARG B 155 -8.67 -20.01 -1.78
C ARG B 155 -8.26 -18.62 -1.32
N LEU B 156 -8.48 -18.34 -0.04
CA LEU B 156 -8.03 -17.11 0.60
C LEU B 156 -6.94 -17.44 1.60
N TRP B 157 -5.81 -16.75 1.49
CA TRP B 157 -4.78 -16.88 2.51
C TRP B 157 -5.22 -16.17 3.79
N ALA B 158 -4.36 -16.20 4.80
CA ALA B 158 -4.75 -15.67 6.10
C ALA B 158 -5.01 -14.17 6.03
N ASN B 159 -5.92 -13.70 6.88
CA ASN B 159 -6.14 -12.26 7.10
C ASN B 159 -6.53 -11.53 5.81
N VAL B 160 -7.42 -12.14 5.02
CA VAL B 160 -8.05 -11.47 3.89
C VAL B 160 -9.42 -10.99 4.33
N THR B 161 -9.81 -9.80 3.86
CA THR B 161 -11.10 -9.21 4.20
C THR B 161 -11.95 -9.10 2.94
N ILE B 162 -13.09 -9.78 2.94
CA ILE B 162 -14.09 -9.70 1.89
C ILE B 162 -15.32 -9.06 2.50
N TYR B 163 -15.71 -7.88 2.00
CA TYR B 163 -16.90 -7.21 2.48
C TYR B 163 -18.17 -7.94 2.06
N HIS B 164 -19.30 -7.26 2.14
CA HIS B 164 -20.60 -7.85 1.88
C HIS B 164 -20.93 -7.79 0.38
N GLU B 165 -21.79 -8.72 -0.05
CA GLU B 165 -22.33 -8.75 -1.40
C GLU B 165 -21.25 -8.84 -2.47
N ILE B 166 -20.13 -9.48 -2.15
CA ILE B 166 -19.04 -9.68 -3.09
C ILE B 166 -19.22 -11.02 -3.79
N GLN B 167 -18.88 -11.07 -5.07
CA GLN B 167 -18.94 -12.31 -5.84
C GLN B 167 -17.54 -12.63 -6.34
N ILE B 168 -17.06 -13.82 -6.00
CA ILE B 168 -15.76 -14.32 -6.44
C ILE B 168 -15.99 -15.63 -7.17
N GLY B 169 -15.28 -15.82 -8.29
CA GLY B 169 -15.47 -16.96 -9.16
C GLY B 169 -14.76 -18.21 -8.68
N GLN B 170 -14.45 -19.09 -9.63
CA GLN B 170 -13.84 -20.37 -9.31
C GLN B 170 -12.33 -20.32 -9.44
N ASN B 171 -11.65 -21.07 -8.57
CA ASN B 171 -10.21 -21.28 -8.65
C ASN B 171 -9.44 -19.96 -8.59
N CYS B 172 -9.96 -19.01 -7.83
CA CYS B 172 -9.23 -17.78 -7.55
C CYS B 172 -8.26 -17.99 -6.39
N LEU B 173 -7.36 -17.04 -6.22
CA LEU B 173 -6.39 -17.08 -5.13
C LEU B 173 -6.11 -15.65 -4.68
N ILE B 174 -6.31 -15.38 -3.40
CA ILE B 174 -6.13 -14.04 -2.85
C ILE B 174 -5.12 -14.14 -1.70
N GLN B 175 -4.05 -13.35 -1.78
CA GLN B 175 -3.00 -13.35 -0.79
C GLN B 175 -3.41 -12.50 0.41
N SER B 176 -2.64 -12.64 1.49
CA SER B 176 -3.00 -12.05 2.78
C SER B 176 -3.04 -10.52 2.74
N GLY B 177 -3.82 -9.95 3.66
CA GLY B 177 -3.89 -8.51 3.81
C GLY B 177 -4.74 -7.80 2.79
N THR B 178 -5.25 -8.51 1.79
CA THR B 178 -6.02 -7.88 0.73
C THR B 178 -7.43 -7.60 1.22
N VAL B 179 -8.02 -6.51 0.70
CA VAL B 179 -9.35 -6.06 1.07
C VAL B 179 -10.18 -5.88 -0.19
N VAL B 180 -11.27 -6.64 -0.29
CA VAL B 180 -12.14 -6.61 -1.46
C VAL B 180 -13.50 -6.10 -1.04
N GLY B 181 -13.93 -4.97 -1.59
CA GLY B 181 -15.26 -4.47 -1.37
C GLY B 181 -15.41 -3.33 -0.39
N ALA B 182 -14.32 -2.66 -0.03
CA ALA B 182 -14.44 -1.48 0.82
C ALA B 182 -15.13 -0.34 0.08
N ASP B 183 -15.61 0.64 0.83
CA ASP B 183 -16.30 1.77 0.23
C ASP B 183 -15.42 2.50 -0.79
N GLY B 184 -16.00 2.81 -1.94
CA GLY B 184 -15.37 3.76 -2.83
C GLY B 184 -15.25 5.14 -2.21
N PHE B 185 -14.43 5.97 -2.83
CA PHE B 185 -14.12 7.31 -2.32
C PHE B 185 -15.15 8.31 -2.84
N GLY B 186 -16.40 8.13 -2.41
CA GLY B 186 -17.52 8.91 -2.92
C GLY B 186 -18.15 9.86 -1.92
N TYR B 187 -18.15 11.16 -2.25
CA TYR B 187 -18.67 12.18 -1.36
C TYR B 187 -19.29 13.31 -2.16
N ALA B 188 -20.37 13.86 -1.63
CA ALA B 188 -20.98 15.08 -2.17
C ALA B 188 -20.56 16.28 -1.32
N ASN B 189 -20.95 17.47 -1.79
CA ASN B 189 -20.56 18.73 -1.15
C ASN B 189 -21.81 19.50 -0.76
N ASP B 190 -22.01 19.68 0.55
CA ASP B 190 -23.14 20.43 1.08
C ASP B 190 -22.59 21.71 1.71
N ARG B 191 -22.52 22.77 0.90
CA ARG B 191 -22.11 24.10 1.38
C ARG B 191 -20.75 24.06 2.05
N GLY B 192 -19.85 23.21 1.55
CA GLY B 192 -18.52 23.09 2.10
C GLY B 192 -18.30 21.94 3.06
N ASN B 193 -19.31 21.10 3.27
CA ASN B 193 -19.19 19.94 4.14
C ASN B 193 -19.27 18.66 3.31
N TRP B 194 -18.32 17.75 3.53
CA TRP B 194 -18.37 16.47 2.85
C TRP B 194 -19.58 15.67 3.32
N VAL B 195 -20.29 15.07 2.38
CA VAL B 195 -21.42 14.19 2.67
C VAL B 195 -21.12 12.84 2.05
N LYS B 196 -21.09 11.80 2.89
CA LYS B 196 -20.75 10.47 2.39
C LYS B 196 -21.84 9.97 1.47
N ILE B 197 -21.42 9.44 0.32
CA ILE B 197 -22.32 8.72 -0.59
C ILE B 197 -22.20 7.24 -0.28
N PRO B 198 -23.24 6.60 0.28
CA PRO B 198 -23.18 5.14 0.46
C PRO B 198 -22.80 4.44 -0.84
N GLN B 199 -21.88 3.49 -0.73
CA GLN B 199 -21.38 2.75 -1.88
C GLN B 199 -22.09 1.41 -1.89
N ILE B 200 -23.18 1.32 -2.64
CA ILE B 200 -24.05 0.14 -2.60
C ILE B 200 -23.89 -0.75 -3.81
N GLY B 201 -22.97 -0.42 -4.72
CA GLY B 201 -22.54 -1.36 -5.73
C GLY B 201 -21.71 -2.46 -5.09
N ARG B 202 -21.18 -3.33 -5.95
CA ARG B 202 -20.46 -4.50 -5.47
C ARG B 202 -19.08 -4.64 -6.13
N VAL B 203 -18.43 -5.78 -5.90
CA VAL B 203 -17.27 -6.21 -6.67
C VAL B 203 -17.59 -7.58 -7.23
N ILE B 204 -17.37 -7.75 -8.54
CA ILE B 204 -17.55 -9.03 -9.20
C ILE B 204 -16.19 -9.47 -9.72
N ILE B 205 -15.70 -10.60 -9.20
CA ILE B 205 -14.42 -11.15 -9.62
C ILE B 205 -14.69 -12.43 -10.37
N GLY B 206 -14.11 -12.57 -11.55
CA GLY B 206 -14.33 -13.73 -12.39
C GLY B 206 -13.60 -14.97 -11.90
N ASP B 207 -13.37 -15.90 -12.82
CA ASP B 207 -12.71 -17.16 -12.53
C ASP B 207 -11.20 -17.04 -12.74
N ARG B 208 -10.45 -17.83 -11.97
CA ARG B 208 -9.00 -17.93 -12.14
C ARG B 208 -8.31 -16.58 -12.01
N VAL B 209 -8.76 -15.79 -11.05
CA VAL B 209 -8.15 -14.50 -10.75
C VAL B 209 -7.21 -14.67 -9.57
N GLU B 210 -6.02 -14.10 -9.67
CA GLU B 210 -5.03 -14.12 -8.59
C GLU B 210 -4.73 -12.70 -8.16
N ILE B 211 -4.84 -12.44 -6.87
CA ILE B 211 -4.66 -11.10 -6.29
C ILE B 211 -3.60 -11.19 -5.22
N GLY B 212 -2.65 -10.28 -5.26
CA GLY B 212 -1.52 -10.29 -4.33
C GLY B 212 -1.91 -9.80 -2.95
N ALA B 213 -0.89 -9.40 -2.18
CA ALA B 213 -1.07 -9.05 -0.78
C ALA B 213 -1.24 -7.55 -0.61
N CYS B 214 -2.02 -7.17 0.40
CA CYS B 214 -2.27 -5.77 0.70
C CYS B 214 -2.75 -4.99 -0.52
N THR B 215 -3.53 -5.66 -1.36
CA THR B 215 -4.21 -5.00 -2.47
C THR B 215 -5.63 -4.65 -2.03
N THR B 216 -6.13 -3.52 -2.52
CA THR B 216 -7.48 -3.07 -2.21
C THR B 216 -8.28 -2.93 -3.49
N ILE B 217 -9.51 -3.43 -3.46
CA ILE B 217 -10.44 -3.37 -4.60
C ILE B 217 -11.76 -2.86 -4.05
N ASP B 218 -12.09 -1.61 -4.34
CA ASP B 218 -13.26 -1.00 -3.75
C ASP B 218 -14.54 -1.42 -4.48
N ARG B 219 -15.66 -1.35 -3.76
CA ARG B 219 -16.96 -1.64 -4.35
C ARG B 219 -17.49 -0.44 -5.13
N GLY B 220 -18.40 -0.70 -6.06
CA GLY B 220 -18.99 0.36 -6.85
C GLY B 220 -19.98 1.21 -6.07
N ALA B 221 -20.18 2.44 -6.56
CA ALA B 221 -21.14 3.34 -5.93
C ALA B 221 -22.57 2.83 -6.07
N LEU B 222 -22.94 2.42 -7.28
CA LEU B 222 -24.28 1.90 -7.55
C LEU B 222 -24.15 0.63 -8.38
N ASP B 223 -23.42 0.72 -9.48
CA ASP B 223 -23.07 -0.45 -10.28
C ASP B 223 -21.73 -0.99 -9.76
N ASP B 224 -21.18 -1.98 -10.45
CA ASP B 224 -20.18 -2.85 -9.86
C ASP B 224 -18.77 -2.59 -10.37
N THR B 225 -17.81 -2.81 -9.49
CA THR B 225 -16.42 -3.00 -9.86
C THR B 225 -16.25 -4.42 -10.39
N ILE B 226 -15.64 -4.56 -11.56
CA ILE B 226 -15.61 -5.84 -12.26
C ILE B 226 -14.17 -6.22 -12.59
N ILE B 227 -13.77 -7.42 -12.18
CA ILE B 227 -12.48 -8.01 -12.54
C ILE B 227 -12.75 -9.22 -13.42
N GLY B 228 -12.21 -9.21 -14.63
CA GLY B 228 -12.45 -10.28 -15.57
C GLY B 228 -11.73 -11.57 -15.20
N ASN B 229 -11.98 -12.59 -16.00
CA ASN B 229 -11.40 -13.90 -15.74
C ASN B 229 -9.92 -13.94 -16.10
N GLY B 230 -9.17 -14.75 -15.36
CA GLY B 230 -7.75 -14.93 -15.64
C GLY B 230 -6.90 -13.71 -15.38
N VAL B 231 -7.42 -12.72 -14.65
CA VAL B 231 -6.66 -11.53 -14.33
C VAL B 231 -5.68 -11.82 -13.19
N ILE B 232 -4.49 -11.23 -13.27
CA ILE B 232 -3.49 -11.37 -12.22
C ILE B 232 -3.10 -9.98 -11.74
N ILE B 233 -3.17 -9.79 -10.42
CA ILE B 233 -2.90 -8.49 -9.80
C ILE B 233 -1.89 -8.70 -8.69
N ASP B 234 -0.84 -7.87 -8.67
CA ASP B 234 0.28 -8.00 -7.75
C ASP B 234 -0.04 -7.36 -6.39
N ASN B 235 0.98 -7.15 -5.57
CA ASN B 235 0.80 -6.58 -4.24
C ASN B 235 0.56 -5.07 -4.32
N GLN B 236 -0.02 -4.53 -3.26
CA GLN B 236 -0.06 -3.09 -3.02
C GLN B 236 -0.80 -2.33 -4.13
N CYS B 237 -1.68 -3.00 -4.86
CA CYS B 237 -2.45 -2.35 -5.91
C CYS B 237 -3.73 -1.75 -5.33
N GLN B 238 -4.20 -0.69 -5.98
CA GLN B 238 -5.42 0.01 -5.59
C GLN B 238 -6.33 0.04 -6.81
N ILE B 239 -7.46 -0.65 -6.72
CA ILE B 239 -8.46 -0.67 -7.77
C ILE B 239 -9.69 0.05 -7.24
N ALA B 240 -9.97 1.23 -7.80
CA ALA B 240 -11.00 2.11 -7.28
C ALA B 240 -12.39 1.60 -7.66
N HIS B 241 -13.40 2.27 -7.10
CA HIS B 241 -14.79 1.94 -7.37
C HIS B 241 -15.09 1.98 -8.85
N ASN B 242 -15.87 1.01 -9.32
CA ASN B 242 -16.40 0.95 -10.68
C ASN B 242 -15.32 0.80 -11.74
N VAL B 243 -14.10 0.40 -11.36
CA VAL B 243 -13.11 0.01 -12.36
C VAL B 243 -13.54 -1.31 -12.98
N VAL B 244 -13.28 -1.46 -14.28
CA VAL B 244 -13.55 -2.69 -15.00
C VAL B 244 -12.25 -3.13 -15.65
N ILE B 245 -11.85 -4.37 -15.40
CA ILE B 245 -10.61 -4.92 -15.95
C ILE B 245 -10.96 -6.14 -16.80
N GLY B 246 -10.51 -6.13 -18.05
CA GLY B 246 -10.84 -7.20 -18.97
C GLY B 246 -10.02 -8.46 -18.73
N ASP B 247 -10.51 -9.56 -19.33
CA ASP B 247 -9.90 -10.87 -19.12
C ASP B 247 -8.41 -10.86 -19.42
N ASN B 248 -7.67 -11.62 -18.60
CA ASN B 248 -6.26 -11.96 -18.80
C ASN B 248 -5.32 -10.78 -18.68
N THR B 249 -5.79 -9.64 -18.19
CA THR B 249 -4.89 -8.50 -17.99
C THR B 249 -4.05 -8.71 -16.73
N ALA B 250 -2.80 -8.23 -16.76
CA ALA B 250 -1.88 -8.32 -15.65
C ALA B 250 -1.58 -6.93 -15.10
N VAL B 251 -1.65 -6.78 -13.79
CA VAL B 251 -1.37 -5.52 -13.11
C VAL B 251 -0.25 -5.76 -12.11
N ALA B 252 0.91 -5.15 -12.34
CA ALA B 252 2.07 -5.34 -11.49
C ALA B 252 1.91 -4.57 -10.19
N GLY B 253 2.91 -4.67 -9.32
CA GLY B 253 2.74 -4.19 -7.95
C GLY B 253 2.67 -2.68 -7.86
N GLY B 254 1.91 -2.21 -6.87
CA GLY B 254 1.88 -0.78 -6.57
C GLY B 254 1.10 0.08 -7.55
N VAL B 255 0.31 -0.53 -8.43
CA VAL B 255 -0.44 0.24 -9.42
C VAL B 255 -1.65 0.87 -8.75
N ILE B 256 -1.97 2.11 -9.11
CA ILE B 256 -3.14 2.81 -8.60
C ILE B 256 -4.05 3.12 -9.77
N MET B 257 -5.32 2.76 -9.63
CA MET B 257 -6.32 2.99 -10.67
C MET B 257 -7.46 3.82 -10.08
N ALA B 258 -7.74 4.97 -10.70
CA ALA B 258 -8.81 5.83 -10.24
C ALA B 258 -10.16 5.31 -10.70
N GLY B 259 -11.22 5.91 -10.16
CA GLY B 259 -12.56 5.36 -10.34
C GLY B 259 -13.04 5.40 -11.78
N SER B 260 -13.82 4.39 -12.15
CA SER B 260 -14.51 4.33 -13.43
C SER B 260 -13.55 4.13 -14.61
N LEU B 261 -12.32 3.70 -14.34
CA LEU B 261 -11.44 3.30 -15.42
C LEU B 261 -11.88 1.96 -16.01
N LYS B 262 -11.77 1.83 -17.32
CA LYS B 262 -12.01 0.57 -18.01
C LYS B 262 -10.72 0.16 -18.71
N ILE B 263 -10.24 -1.04 -18.39
CA ILE B 263 -9.06 -1.63 -19.02
C ILE B 263 -9.51 -2.84 -19.80
N GLY B 264 -9.04 -2.95 -21.04
CA GLY B 264 -9.40 -4.05 -21.91
C GLY B 264 -8.73 -5.35 -21.55
N ARG B 265 -8.77 -6.29 -22.49
CA ARG B 265 -8.20 -7.61 -22.30
C ARG B 265 -6.73 -7.63 -22.69
N TYR B 266 -5.98 -8.55 -22.07
CA TYR B 266 -4.60 -8.83 -22.45
C TYR B 266 -3.71 -7.60 -22.32
N CYS B 267 -4.01 -6.73 -21.37
CA CYS B 267 -3.16 -5.58 -21.08
C CYS B 267 -2.12 -5.96 -20.05
N MET B 268 -1.03 -5.18 -20.03
CA MET B 268 0.04 -5.36 -19.06
C MET B 268 0.36 -3.99 -18.47
N ILE B 269 0.05 -3.80 -17.20
CA ILE B 269 0.24 -2.53 -16.52
C ILE B 269 1.47 -2.66 -15.61
N GLY B 270 2.52 -1.92 -15.94
CA GLY B 270 3.77 -2.02 -15.20
C GLY B 270 3.67 -1.47 -13.79
N GLY B 271 4.61 -1.93 -12.95
CA GLY B 271 4.54 -1.60 -11.54
C GLY B 271 4.58 -0.10 -11.29
N ALA B 272 3.89 0.33 -10.24
CA ALA B 272 3.90 1.71 -9.77
C ALA B 272 3.28 2.68 -10.77
N SER B 273 2.57 2.19 -11.78
CA SER B 273 1.86 3.07 -12.69
C SER B 273 0.67 3.73 -12.00
N VAL B 274 0.27 4.89 -12.52
CA VAL B 274 -0.87 5.64 -12.02
C VAL B 274 -1.81 5.86 -13.22
N ILE B 275 -3.02 5.32 -13.13
CA ILE B 275 -3.98 5.37 -14.22
C ILE B 275 -5.19 6.16 -13.75
N ASN B 276 -5.42 7.31 -14.39
CA ASN B 276 -6.57 8.13 -14.01
C ASN B 276 -7.86 7.51 -14.54
N GLY B 277 -8.99 8.01 -14.03
CA GLY B 277 -10.27 7.35 -14.20
C GLY B 277 -11.13 7.99 -15.28
N HIS B 278 -12.36 7.50 -15.37
CA HIS B 278 -13.35 7.99 -16.33
C HIS B 278 -12.77 8.02 -17.74
N MET B 279 -12.02 6.98 -18.07
CA MET B 279 -11.43 6.83 -19.40
C MET B 279 -11.25 5.34 -19.68
N GLU B 280 -10.94 5.01 -20.93
CA GLU B 280 -10.81 3.62 -21.34
C GLU B 280 -9.44 3.35 -21.92
N ILE B 281 -8.92 2.16 -21.64
CA ILE B 281 -7.71 1.62 -22.26
C ILE B 281 -8.11 0.38 -23.04
N CYS B 282 -7.73 0.34 -24.32
CA CYS B 282 -8.18 -0.74 -25.20
C CYS B 282 -7.41 -2.02 -24.91
N ASP B 283 -7.74 -3.07 -25.65
CA ASP B 283 -7.09 -4.37 -25.50
C ASP B 283 -5.61 -4.29 -25.87
N LYS B 284 -4.82 -5.20 -25.30
CA LYS B 284 -3.43 -5.42 -25.70
C LYS B 284 -2.59 -4.15 -25.60
N VAL B 285 -2.77 -3.41 -24.50
CA VAL B 285 -1.99 -2.23 -24.21
C VAL B 285 -0.99 -2.58 -23.11
N THR B 286 0.26 -2.18 -23.30
CA THR B 286 1.29 -2.31 -22.28
C THR B 286 1.68 -0.92 -21.79
N VAL B 287 1.57 -0.70 -20.49
CA VAL B 287 2.05 0.52 -19.84
C VAL B 287 3.27 0.13 -19.03
N THR B 288 4.42 0.70 -19.38
CA THR B 288 5.64 0.39 -18.63
C THR B 288 5.58 1.05 -17.26
N GLY B 289 6.47 0.58 -16.37
CA GLY B 289 6.46 0.97 -14.98
C GLY B 289 6.46 2.47 -14.69
N MET B 290 5.74 2.86 -13.64
CA MET B 290 5.62 4.25 -13.22
C MET B 290 4.94 5.12 -14.28
N GLY B 291 4.19 4.51 -15.18
CA GLY B 291 3.54 5.27 -16.23
C GLY B 291 2.46 6.18 -15.67
N MET B 292 2.42 7.41 -16.18
CA MET B 292 1.44 8.41 -15.77
C MET B 292 0.39 8.53 -16.86
N VAL B 293 -0.73 7.82 -16.69
CA VAL B 293 -1.76 7.72 -17.73
C VAL B 293 -2.83 8.77 -17.45
N MET B 294 -2.84 9.83 -18.26
CA MET B 294 -3.82 10.90 -18.12
C MET B 294 -4.89 10.92 -19.21
N ARG B 295 -4.70 10.22 -20.31
CA ARG B 295 -5.64 10.24 -21.41
C ARG B 295 -5.98 8.82 -21.85
N PRO B 296 -7.14 8.62 -22.45
CA PRO B 296 -7.50 7.28 -22.93
C PRO B 296 -6.47 6.77 -23.92
N ILE B 297 -6.34 5.45 -23.97
CA ILE B 297 -5.45 4.77 -24.90
C ILE B 297 -6.33 3.98 -25.87
N THR B 298 -6.31 4.38 -27.14
CA THR B 298 -7.23 3.84 -28.13
C THR B 298 -6.59 2.88 -29.11
N GLU B 299 -5.27 2.76 -29.10
CA GLU B 299 -4.58 1.83 -29.99
C GLU B 299 -3.71 0.87 -29.17
N PRO B 300 -3.67 -0.41 -29.52
CA PRO B 300 -2.77 -1.33 -28.83
C PRO B 300 -1.32 -0.93 -29.03
N GLY B 301 -0.46 -1.37 -28.11
CA GLY B 301 0.94 -1.08 -28.20
C GLY B 301 1.51 -0.75 -26.83
N VAL B 302 2.74 -0.23 -26.83
CA VAL B 302 3.52 -0.01 -25.62
C VAL B 302 3.63 1.50 -25.38
N TYR B 303 3.34 1.92 -24.15
CA TYR B 303 3.32 3.33 -23.79
C TYR B 303 4.15 3.54 -22.53
N SER B 304 4.75 4.72 -22.41
CA SER B 304 5.74 4.95 -21.36
C SER B 304 5.77 6.42 -20.95
N SER B 305 6.24 6.65 -19.72
CA SER B 305 6.45 8.01 -19.23
C SER B 305 7.55 7.99 -18.18
N GLY B 306 8.05 9.18 -17.84
CA GLY B 306 8.98 9.35 -16.75
C GLY B 306 10.39 9.70 -17.20
N ILE B 307 11.06 10.54 -16.42
CA ILE B 307 12.45 10.90 -16.66
C ILE B 307 13.32 10.11 -15.67
N PRO B 308 14.25 9.29 -16.14
CA PRO B 308 14.96 8.38 -15.23
C PRO B 308 16.00 9.09 -14.37
N LEU B 309 16.61 8.27 -13.51
CA LEU B 309 17.54 8.74 -12.50
C LEU B 309 18.81 9.34 -13.10
N GLN B 310 19.38 10.32 -12.41
CA GLN B 310 20.66 10.91 -12.72
C GLN B 310 21.38 11.22 -11.42
N PRO B 311 22.70 11.39 -11.46
CA PRO B 311 23.40 11.88 -10.26
C PRO B 311 22.76 13.18 -9.81
N ASN B 312 22.62 13.34 -8.49
CA ASN B 312 21.83 14.45 -7.96
C ASN B 312 22.28 15.79 -8.53
N LYS B 313 23.59 16.02 -8.63
CA LYS B 313 24.07 17.29 -9.16
C LYS B 313 23.65 17.48 -10.62
N VAL B 314 23.63 16.40 -11.39
CA VAL B 314 23.13 16.48 -12.76
C VAL B 314 21.63 16.70 -12.76
N TRP B 315 20.91 15.97 -11.91
CA TRP B 315 19.46 16.11 -11.86
C TRP B 315 19.07 17.56 -11.53
N ARG B 316 19.81 18.20 -10.63
CA ARG B 316 19.47 19.56 -10.24
C ARG B 316 19.46 20.50 -11.45
N LYS B 317 20.46 20.37 -12.33
CA LYS B 317 20.49 21.19 -13.53
C LYS B 317 19.38 20.79 -14.50
N THR B 318 19.17 19.49 -14.70
CA THR B 318 18.09 19.03 -15.58
C THR B 318 16.74 19.58 -15.13
N ALA B 319 16.43 19.42 -13.84
CA ALA B 319 15.14 19.89 -13.35
C ALA B 319 14.99 21.39 -13.55
N ALA B 320 16.04 22.15 -13.27
CA ALA B 320 15.97 23.60 -13.41
C ALA B 320 15.71 24.00 -14.86
N LEU B 321 16.43 23.37 -15.80
CA LEU B 321 16.25 23.70 -17.20
C LEU B 321 14.86 23.29 -17.70
N VAL B 322 14.38 22.12 -17.31
CA VAL B 322 13.05 21.68 -17.73
C VAL B 322 11.98 22.64 -17.21
N MET B 323 12.06 22.98 -15.92
CA MET B 323 11.06 23.87 -15.34
C MET B 323 11.04 25.23 -16.03
N ASN B 324 12.14 25.62 -16.67
CA ASN B 324 12.24 26.87 -17.41
C ASN B 324 12.25 26.64 -18.92
N ILE B 325 11.64 25.55 -19.38
CA ILE B 325 11.72 25.22 -20.80
C ILE B 325 10.95 26.21 -21.65
N ASP B 326 9.93 26.88 -21.09
CA ASP B 326 9.21 27.89 -21.84
C ASP B 326 10.15 29.00 -22.30
N ASP B 327 11.06 29.43 -21.44
CA ASP B 327 12.05 30.43 -21.83
C ASP B 327 12.93 29.90 -22.96
N MET B 328 13.37 28.65 -22.86
CA MET B 328 14.15 28.03 -23.93
C MET B 328 13.38 28.04 -25.24
N SER B 329 12.11 27.63 -25.19
CA SER B 329 11.28 27.65 -26.39
C SER B 329 11.22 29.05 -27.00
N LYS B 330 11.00 30.06 -26.17
CA LYS B 330 10.93 31.43 -26.69
C LYS B 330 12.25 31.86 -27.32
N ARG B 331 13.37 31.49 -26.70
CA ARG B 331 14.67 31.86 -27.26
C ARG B 331 14.93 31.16 -28.58
N LEU B 332 14.49 29.91 -28.71
CA LEU B 332 14.67 29.20 -29.96
C LEU B 332 13.83 29.83 -31.08
N LYS B 333 12.61 30.25 -30.76
CA LYS B 333 11.77 30.89 -31.76
C LYS B 333 12.35 32.22 -32.20
N SER B 334 12.82 33.04 -31.26
CA SER B 334 13.45 34.30 -31.61
CA SER B 334 13.46 34.30 -31.61
C SER B 334 14.68 34.07 -32.50
N LEU B 335 15.46 33.04 -32.20
CA LEU B 335 16.63 32.74 -33.00
C LEU B 335 16.25 32.29 -34.41
N GLU B 336 15.16 31.52 -34.53
CA GLU B 336 14.69 31.13 -35.85
C GLU B 336 14.31 32.34 -36.69
N ARG B 337 13.60 33.29 -36.10
CA ARG B 337 13.25 34.50 -36.84
C ARG B 337 14.49 35.22 -37.35
N LYS B 338 15.52 35.34 -36.51
CA LYS B 338 16.75 35.99 -36.95
C LYS B 338 17.39 35.24 -38.12
N VAL B 339 17.41 33.91 -38.04
CA VAL B 339 18.02 33.13 -39.12
C VAL B 339 17.18 33.18 -40.38
N ASN B 340 15.86 33.34 -40.23
CA ASN B 340 14.99 33.54 -41.38
C ASN B 340 15.01 34.97 -41.89
N GLN B 341 15.91 35.81 -41.37
CA GLN B 341 16.08 37.18 -41.85
C GLN B 341 14.83 38.02 -41.63
N GLN B 342 14.09 37.75 -40.55
CA GLN B 342 12.89 38.50 -40.22
C GLN B 342 13.05 39.26 -38.90
N GLY C 4 -34.91 -0.13 4.19
CA GLY C 4 -36.33 -0.19 4.55
C GLY C 4 -37.17 0.58 3.55
N SER C 5 -38.28 -0.03 3.11
CA SER C 5 -39.16 0.60 2.14
C SER C 5 -39.81 1.84 2.73
N ILE C 6 -40.06 2.83 1.86
CA ILE C 6 -40.59 4.12 2.27
C ILE C 6 -41.52 4.64 1.19
N ARG C 7 -42.53 5.41 1.60
CA ARG C 7 -43.45 6.02 0.67
C ARG C 7 -42.83 7.25 0.02
N LEU C 8 -43.07 7.43 -1.28
CA LEU C 8 -42.45 8.52 -2.02
C LEU C 8 -42.77 9.87 -1.38
N ALA C 9 -44.01 10.04 -0.89
CA ALA C 9 -44.36 11.30 -0.24
C ALA C 9 -43.54 11.51 1.04
N ASP C 10 -43.34 10.45 1.82
CA ASP C 10 -42.52 10.57 3.02
C ASP C 10 -41.06 10.81 2.67
N LEU C 11 -40.53 10.09 1.68
CA LEU C 11 -39.16 10.31 1.26
C LEU C 11 -38.96 11.73 0.75
N ALA C 12 -39.95 12.27 0.02
CA ALA C 12 -39.83 13.62 -0.50
C ALA C 12 -39.75 14.65 0.63
N GLN C 13 -40.54 14.45 1.69
CA GLN C 13 -40.52 15.39 2.81
C GLN C 13 -39.17 15.39 3.50
N GLN C 14 -38.61 14.20 3.75
CA GLN C 14 -37.30 14.13 4.39
C GLN C 14 -36.22 14.77 3.52
N LEU C 15 -36.40 14.76 2.19
CA LEU C 15 -35.43 15.35 1.28
C LEU C 15 -35.69 16.81 0.98
N ASP C 16 -36.81 17.36 1.45
CA ASP C 16 -37.18 18.74 1.16
C ASP C 16 -37.33 18.95 -0.35
N ALA C 17 -37.94 17.98 -1.02
CA ALA C 17 -38.15 18.01 -2.45
C ALA C 17 -39.62 18.24 -2.77
N GLU C 18 -39.88 18.74 -3.98
CA GLU C 18 -41.22 18.92 -4.48
C GLU C 18 -41.68 17.65 -5.18
N LEU C 19 -42.76 17.04 -4.70
CA LEU C 19 -43.28 15.81 -5.26
C LEU C 19 -44.21 16.11 -6.44
N HIS C 20 -43.92 15.52 -7.59
CA HIS C 20 -44.78 15.57 -8.77
C HIS C 20 -45.08 14.13 -9.17
N GLY C 21 -46.22 13.62 -8.75
CA GLY C 21 -46.58 12.24 -9.00
C GLY C 21 -47.23 11.64 -7.77
N ASP C 22 -47.37 10.32 -7.78
CA ASP C 22 -48.11 9.62 -6.74
C ASP C 22 -47.25 9.44 -5.50
N GLY C 23 -47.64 10.10 -4.40
CA GLY C 23 -46.91 9.96 -3.15
C GLY C 23 -47.03 8.60 -2.51
N ASP C 24 -48.01 7.79 -2.94
CA ASP C 24 -48.20 6.46 -2.40
C ASP C 24 -47.19 5.45 -2.94
N ILE C 25 -46.42 5.81 -3.97
CA ILE C 25 -45.43 4.88 -4.51
C ILE C 25 -44.47 4.46 -3.40
N VAL C 26 -44.15 3.17 -3.38
CA VAL C 26 -43.27 2.60 -2.37
C VAL C 26 -41.87 2.48 -2.97
N ILE C 27 -40.90 3.15 -2.35
CA ILE C 27 -39.51 3.12 -2.78
C ILE C 27 -38.74 2.13 -1.92
N THR C 28 -38.04 1.20 -2.57
CA THR C 28 -37.30 0.16 -1.85
C THR C 28 -35.79 0.41 -1.83
N GLY C 29 -35.27 1.18 -2.76
CA GLY C 29 -33.83 1.41 -2.79
C GLY C 29 -33.46 2.42 -3.86
N VAL C 30 -32.17 2.69 -3.95
CA VAL C 30 -31.61 3.63 -4.91
C VAL C 30 -30.86 2.83 -5.96
N ALA C 31 -30.90 3.30 -7.20
CA ALA C 31 -30.24 2.61 -8.30
C ALA C 31 -29.77 3.64 -9.33
N SER C 32 -28.80 3.24 -10.13
CA SER C 32 -28.40 4.06 -11.27
C SER C 32 -29.54 4.16 -12.26
N MET C 33 -29.49 5.19 -13.10
CA MET C 33 -30.57 5.37 -14.07
C MET C 33 -30.67 4.17 -15.02
N GLN C 34 -29.52 3.58 -15.38
CA GLN C 34 -29.54 2.46 -16.32
C GLN C 34 -29.97 1.16 -15.65
N SER C 35 -29.72 1.00 -14.35
CA SER C 35 -30.09 -0.21 -13.64
C SER C 35 -31.43 -0.13 -12.92
N ALA C 36 -31.96 1.08 -12.72
CA ALA C 36 -33.15 1.25 -11.92
C ALA C 36 -34.32 0.42 -12.46
N GLN C 37 -35.05 -0.22 -11.54
CA GLN C 37 -36.25 -0.97 -11.86
C GLN C 37 -37.39 -0.46 -10.98
N THR C 38 -38.57 -1.05 -11.17
CA THR C 38 -39.72 -0.65 -10.36
C THR C 38 -39.41 -0.79 -8.88
N GLY C 39 -39.79 0.22 -8.11
CA GLY C 39 -39.44 0.30 -6.70
C GLY C 39 -38.19 1.09 -6.42
N HIS C 40 -37.37 1.37 -7.44
CA HIS C 40 -36.14 2.14 -7.26
C HIS C 40 -36.39 3.62 -7.51
N ILE C 41 -35.65 4.45 -6.77
CA ILE C 41 -35.55 5.88 -7.05
C ILE C 41 -34.15 6.14 -7.61
N THR C 42 -34.06 7.05 -8.57
CA THR C 42 -32.79 7.40 -9.18
C THR C 42 -32.75 8.92 -9.33
N PHE C 43 -31.70 9.42 -10.00
CA PHE C 43 -31.48 10.84 -10.09
C PHE C 43 -30.90 11.17 -11.45
N MET C 44 -31.15 12.39 -11.91
CA MET C 44 -30.59 12.90 -13.16
C MET C 44 -29.85 14.19 -12.87
N VAL C 45 -28.56 14.20 -13.16
CA VAL C 45 -27.75 15.40 -13.06
C VAL C 45 -27.34 15.95 -14.42
N ASN C 46 -27.42 15.15 -15.48
CA ASN C 46 -26.98 15.57 -16.81
C ASN C 46 -28.21 15.77 -17.70
N PRO C 47 -28.57 17.01 -18.02
CA PRO C 47 -29.78 17.24 -18.84
C PRO C 47 -29.74 16.58 -20.20
N LYS C 48 -28.59 16.08 -20.65
CA LYS C 48 -28.54 15.36 -21.92
C LYS C 48 -29.37 14.08 -21.88
N TYR C 49 -29.72 13.59 -20.69
CA TYR C 49 -30.49 12.36 -20.55
C TYR C 49 -32.00 12.61 -20.52
N ARG C 50 -32.44 13.87 -20.64
CA ARG C 50 -33.88 14.15 -20.65
C ARG C 50 -34.60 13.31 -21.69
N GLU C 51 -34.04 13.22 -22.91
CA GLU C 51 -34.62 12.42 -23.97
C GLU C 51 -34.57 10.93 -23.68
N HIS C 52 -33.80 10.52 -22.68
CA HIS C 52 -33.58 9.13 -22.31
C HIS C 52 -34.49 8.67 -21.19
N LEU C 53 -35.17 9.59 -20.50
CA LEU C 53 -35.92 9.25 -19.29
C LEU C 53 -36.97 8.18 -19.57
N GLY C 54 -37.53 8.15 -20.78
CA GLY C 54 -38.52 7.13 -21.10
C GLY C 54 -37.98 5.71 -21.05
N LEU C 55 -36.65 5.56 -21.09
CA LEU C 55 -35.99 4.28 -20.98
C LEU C 55 -35.61 3.92 -19.56
N CYS C 56 -35.80 4.84 -18.62
CA CYS C 56 -35.54 4.59 -17.22
C CYS C 56 -36.76 3.93 -16.58
N GLN C 57 -36.55 2.77 -15.95
CA GLN C 57 -37.63 2.00 -15.35
C GLN C 57 -37.77 2.25 -13.85
N ALA C 58 -37.13 3.29 -13.33
CA ALA C 58 -37.27 3.62 -11.92
C ALA C 58 -38.68 4.13 -11.63
N SER C 59 -39.14 3.90 -10.39
CA SER C 59 -40.44 4.40 -9.98
C SER C 59 -40.44 5.90 -9.76
N ALA C 60 -39.28 6.52 -9.60
CA ALA C 60 -39.20 7.96 -9.35
C ALA C 60 -37.81 8.44 -9.69
N VAL C 61 -37.71 9.71 -10.08
CA VAL C 61 -36.46 10.33 -10.52
C VAL C 61 -36.32 11.68 -9.87
N VAL C 62 -35.17 11.93 -9.25
CA VAL C 62 -34.82 13.24 -8.71
C VAL C 62 -34.25 14.09 -9.83
N MET C 63 -34.72 15.34 -9.93
CA MET C 63 -34.33 16.21 -11.03
C MET C 63 -34.58 17.66 -10.61
N THR C 64 -34.22 18.58 -11.50
CA THR C 64 -34.40 20.01 -11.26
C THR C 64 -35.71 20.49 -11.86
N GLN C 65 -36.08 21.73 -11.51
CA GLN C 65 -37.28 22.32 -12.07
C GLN C 65 -37.20 22.41 -13.59
N ASP C 66 -36.00 22.69 -14.12
CA ASP C 66 -35.81 22.77 -15.55
C ASP C 66 -36.01 21.41 -16.23
N ASP C 67 -35.81 20.31 -15.51
CA ASP C 67 -35.98 18.98 -16.08
C ASP C 67 -37.43 18.51 -16.08
N LEU C 68 -38.27 19.07 -15.21
CA LEU C 68 -39.61 18.55 -14.97
C LEU C 68 -40.40 18.30 -16.26
N PRO C 69 -40.43 19.21 -17.24
CA PRO C 69 -41.24 18.96 -18.44
C PRO C 69 -40.85 17.68 -19.17
N PHE C 70 -39.65 17.14 -18.94
CA PHE C 70 -39.18 15.95 -19.63
C PHE C 70 -39.42 14.67 -18.84
N ALA C 71 -40.00 14.75 -17.65
CA ALA C 71 -40.18 13.58 -16.83
C ALA C 71 -41.15 12.59 -17.48
N LYS C 72 -40.83 11.30 -17.36
CA LYS C 72 -41.72 10.22 -17.76
C LYS C 72 -41.96 9.28 -16.59
N SER C 73 -42.00 9.83 -15.38
CA SER C 73 -42.21 9.08 -14.15
C SER C 73 -42.55 10.09 -13.07
N ALA C 74 -42.84 9.58 -11.87
CA ALA C 74 -42.91 10.46 -10.72
C ALA C 74 -41.58 11.17 -10.54
N ALA C 75 -41.63 12.44 -10.13
CA ALA C 75 -40.43 13.27 -10.07
C ALA C 75 -40.34 13.99 -8.73
N LEU C 76 -39.13 14.02 -8.18
CA LEU C 76 -38.81 14.82 -7.00
C LEU C 76 -37.93 15.99 -7.47
N VAL C 77 -38.47 17.19 -7.39
CA VAL C 77 -37.80 18.39 -7.87
C VAL C 77 -36.98 19.00 -6.74
N VAL C 78 -35.68 19.23 -7.01
CA VAL C 78 -34.75 19.76 -6.02
C VAL C 78 -33.79 20.71 -6.72
N LYS C 79 -33.13 21.55 -5.93
CA LYS C 79 -32.12 22.45 -6.47
C LYS C 79 -30.83 21.73 -6.83
N ASN C 80 -30.53 20.64 -6.13
CA ASN C 80 -29.24 19.96 -6.24
C ASN C 80 -29.47 18.45 -6.24
N PRO C 81 -29.69 17.86 -7.42
CA PRO C 81 -29.97 16.41 -7.44
C PRO C 81 -28.84 15.55 -6.93
N TYR C 82 -27.58 15.96 -7.12
CA TYR C 82 -26.46 15.14 -6.65
C TYR C 82 -26.45 15.06 -5.13
N LEU C 83 -26.59 16.21 -4.46
CA LEU C 83 -26.65 16.20 -3.00
C LEU C 83 -27.87 15.45 -2.50
N THR C 84 -29.03 15.66 -3.15
CA THR C 84 -30.22 14.90 -2.79
C THR C 84 -30.00 13.41 -2.96
N TYR C 85 -29.26 13.02 -3.99
CA TYR C 85 -28.94 11.60 -4.17
C TYR C 85 -28.13 11.08 -3.00
N ALA C 86 -27.11 11.83 -2.57
CA ALA C 86 -26.33 11.43 -1.40
C ALA C 86 -27.22 11.26 -0.18
N ARG C 87 -28.15 12.19 0.03
CA ARG C 87 -29.03 12.13 1.20
C ARG C 87 -29.96 10.93 1.13
N MET C 88 -30.60 10.72 -0.03
CA MET C 88 -31.56 9.62 -0.13
C MET C 88 -30.85 8.27 -0.11
N ALA C 89 -29.61 8.20 -0.61
CA ALA C 89 -28.84 6.97 -0.48
C ALA C 89 -28.54 6.64 0.97
N GLN C 90 -28.35 7.66 1.82
CA GLN C 90 -28.18 7.41 3.25
C GLN C 90 -29.47 6.91 3.87
N ILE C 91 -30.60 7.49 3.49
CA ILE C 91 -31.88 7.06 4.04
C ILE C 91 -32.16 5.60 3.67
N LEU C 92 -31.80 5.21 2.45
CA LEU C 92 -32.09 3.88 1.93
C LEU C 92 -30.87 2.97 1.91
N ASP C 93 -29.82 3.33 2.66
CA ASP C 93 -28.56 2.60 2.62
C ASP C 93 -28.77 1.13 2.97
N THR C 94 -28.22 0.24 2.13
CA THR C 94 -28.25 -1.19 2.37
C THR C 94 -26.97 -1.72 3.01
N THR C 95 -26.00 -0.85 3.28
CA THR C 95 -24.76 -1.31 3.89
C THR C 95 -25.03 -1.86 5.28
N PRO C 96 -24.60 -3.09 5.57
CA PRO C 96 -24.79 -3.63 6.92
C PRO C 96 -23.86 -2.95 7.92
N GLN C 97 -24.12 -3.22 9.19
CA GLN C 97 -23.17 -2.70 10.16
C GLN C 97 -22.02 -3.69 10.35
N PRO C 98 -20.83 -3.21 10.71
CA PRO C 98 -19.70 -4.13 10.89
C PRO C 98 -19.94 -5.19 11.94
N ALA C 99 -20.83 -4.94 12.90
CA ALA C 99 -21.14 -5.92 13.93
C ALA C 99 -22.44 -5.53 14.59
N GLN C 100 -23.03 -6.49 15.30
CA GLN C 100 -24.23 -6.24 16.10
C GLN C 100 -24.06 -6.95 17.44
N ASN C 101 -24.22 -6.20 18.53
CA ASN C 101 -24.01 -6.75 19.88
C ASN C 101 -22.54 -7.09 20.08
N ILE C 102 -22.22 -7.77 21.18
CA ILE C 102 -20.84 -8.10 21.54
C ILE C 102 -20.66 -9.61 21.38
N ALA C 103 -19.80 -10.00 20.45
CA ALA C 103 -19.66 -11.41 20.10
C ALA C 103 -18.98 -12.18 21.23
N PRO C 104 -19.44 -13.40 21.53
CA PRO C 104 -18.77 -14.21 22.56
C PRO C 104 -17.31 -14.49 22.26
N SER C 105 -16.91 -14.45 21.00
CA SER C 105 -15.52 -14.70 20.63
C SER C 105 -14.64 -13.47 20.72
N ALA C 106 -15.22 -12.28 20.93
CA ALA C 106 -14.42 -11.09 21.15
C ALA C 106 -13.71 -11.19 22.50
N VAL C 107 -12.52 -10.63 22.56
CA VAL C 107 -11.69 -10.63 23.77
C VAL C 107 -11.61 -9.19 24.26
N ILE C 108 -12.19 -8.91 25.41
CA ILE C 108 -12.36 -7.55 25.89
C ILE C 108 -11.82 -7.47 27.32
N ASP C 109 -10.80 -6.64 27.51
CA ASP C 109 -10.18 -6.49 28.82
C ASP C 109 -11.20 -5.98 29.83
N ALA C 110 -11.07 -6.46 31.07
CA ALA C 110 -12.06 -6.11 32.09
C ALA C 110 -12.07 -4.61 32.38
N THR C 111 -10.96 -3.93 32.14
CA THR C 111 -10.86 -2.50 32.42
C THR C 111 -11.34 -1.63 31.26
N ALA C 112 -11.69 -2.23 30.12
CA ALA C 112 -12.26 -1.45 29.04
C ALA C 112 -13.62 -0.88 29.46
N LYS C 113 -13.93 0.30 28.94
CA LYS C 113 -15.14 1.04 29.30
C LYS C 113 -16.02 1.15 28.06
N LEU C 114 -17.13 0.42 28.05
CA LEU C 114 -18.04 0.37 26.91
C LEU C 114 -19.22 1.30 27.19
N GLY C 115 -19.50 2.18 26.24
CA GLY C 115 -20.69 3.02 26.31
C GLY C 115 -21.94 2.23 25.98
N ASN C 116 -23.02 2.98 25.73
CA ASN C 116 -24.31 2.36 25.44
C ASN C 116 -24.38 1.92 23.98
N ASN C 117 -24.93 0.73 23.77
CA ASN C 117 -25.25 0.24 22.43
C ASN C 117 -23.98 0.05 21.59
N VAL C 118 -22.91 -0.40 22.23
CA VAL C 118 -21.66 -0.71 21.54
C VAL C 118 -21.72 -2.12 21.00
N SER C 119 -21.29 -2.29 19.75
CA SER C 119 -21.21 -3.60 19.11
C SER C 119 -19.76 -3.91 18.80
N ILE C 120 -19.36 -5.16 19.04
CA ILE C 120 -18.00 -5.63 18.82
C ILE C 120 -18.06 -6.98 18.11
N GLY C 121 -17.49 -7.05 16.91
CA GLY C 121 -17.60 -8.23 16.09
C GLY C 121 -16.73 -9.38 16.55
N ALA C 122 -16.93 -10.53 15.92
CA ALA C 122 -16.28 -11.76 16.34
C ALA C 122 -14.76 -11.64 16.29
N ASN C 123 -14.10 -12.10 17.35
CA ASN C 123 -12.65 -12.22 17.45
C ASN C 123 -11.93 -10.88 17.51
N ALA C 124 -12.66 -9.77 17.67
CA ALA C 124 -12.00 -8.49 17.90
C ALA C 124 -11.32 -8.51 19.27
N VAL C 125 -10.27 -7.72 19.41
CA VAL C 125 -9.44 -7.70 20.62
C VAL C 125 -9.40 -6.27 21.14
N ILE C 126 -9.84 -6.09 22.38
CA ILE C 126 -9.91 -4.77 23.00
C ILE C 126 -9.01 -4.79 24.23
N GLU C 127 -8.00 -3.91 24.25
CA GLU C 127 -6.99 -3.93 25.31
C GLU C 127 -7.48 -3.19 26.56
N SER C 128 -6.65 -3.25 27.60
CA SER C 128 -6.95 -2.57 28.84
C SER C 128 -7.04 -1.06 28.63
N GLY C 129 -7.93 -0.42 29.40
CA GLY C 129 -8.06 1.03 29.39
C GLY C 129 -8.78 1.61 28.20
N VAL C 130 -9.21 0.78 27.24
CA VAL C 130 -9.88 1.31 26.06
C VAL C 130 -11.23 1.87 26.45
N GLU C 131 -11.61 2.99 25.81
CA GLU C 131 -12.92 3.60 26.01
C GLU C 131 -13.62 3.69 24.66
N LEU C 132 -14.78 3.06 24.56
CA LEU C 132 -15.60 3.07 23.36
C LEU C 132 -16.89 3.83 23.66
N GLY C 133 -17.12 4.92 22.94
CA GLY C 133 -18.29 5.75 23.18
C GLY C 133 -19.59 5.09 22.76
N ASP C 134 -20.69 5.79 23.05
CA ASP C 134 -22.01 5.28 22.69
C ASP C 134 -22.10 5.00 21.20
N ASN C 135 -22.72 3.86 20.85
CA ASN C 135 -23.04 3.48 19.48
C ASN C 135 -21.82 3.14 18.64
N VAL C 136 -20.65 2.96 19.27
CA VAL C 136 -19.46 2.58 18.53
C VAL C 136 -19.59 1.13 18.06
N ILE C 137 -19.12 0.86 16.85
CA ILE C 137 -19.14 -0.48 16.29
C ILE C 137 -17.70 -0.84 15.91
N ILE C 138 -17.22 -1.96 16.43
CA ILE C 138 -15.90 -2.51 16.10
C ILE C 138 -16.12 -3.77 15.29
N GLY C 139 -15.54 -3.83 14.09
CA GLY C 139 -15.72 -4.98 13.23
C GLY C 139 -14.97 -6.20 13.72
N ALA C 140 -15.25 -7.33 13.07
CA ALA C 140 -14.59 -8.58 13.43
C ALA C 140 -13.08 -8.47 13.22
N GLY C 141 -12.34 -9.11 14.10
CA GLY C 141 -10.89 -9.21 13.95
C GLY C 141 -10.12 -7.94 14.19
N CYS C 142 -10.76 -6.87 14.67
CA CYS C 142 -10.04 -5.65 14.96
C CYS C 142 -9.19 -5.81 16.21
N PHE C 143 -8.18 -4.94 16.31
CA PHE C 143 -7.39 -4.78 17.53
C PHE C 143 -7.42 -3.31 17.91
N VAL C 144 -7.75 -3.02 19.16
CA VAL C 144 -7.72 -1.65 19.69
C VAL C 144 -6.79 -1.65 20.89
N GLY C 145 -5.69 -0.89 20.80
CA GLY C 145 -4.62 -0.95 21.77
C GLY C 145 -4.92 -0.23 23.08
N LYS C 146 -4.00 -0.42 24.03
CA LYS C 146 -4.20 0.03 25.40
C LYS C 146 -4.50 1.53 25.47
N ASN C 147 -5.50 1.88 26.25
CA ASN C 147 -5.85 3.26 26.60
C ASN C 147 -6.34 4.08 25.41
N SER C 148 -6.62 3.45 24.26
CA SER C 148 -7.15 4.20 23.14
C SER C 148 -8.62 4.53 23.36
N LYS C 149 -9.06 5.63 22.75
CA LYS C 149 -10.41 6.13 22.94
C LYS C 149 -11.05 6.37 21.59
N ILE C 150 -12.26 5.85 21.41
CA ILE C 150 -12.99 5.97 20.15
C ILE C 150 -14.32 6.65 20.46
N GLY C 151 -14.55 7.79 19.83
CA GLY C 151 -15.72 8.59 20.13
C GLY C 151 -17.03 7.99 19.66
N ALA C 152 -18.11 8.53 20.20
CA ALA C 152 -19.44 7.97 19.96
C ALA C 152 -19.77 7.97 18.47
N GLY C 153 -20.44 6.91 18.03
CA GLY C 153 -20.88 6.78 16.67
C GLY C 153 -19.83 6.37 15.66
N SER C 154 -18.57 6.25 16.08
CA SER C 154 -17.51 5.83 15.18
C SER C 154 -17.59 4.33 14.91
N ARG C 155 -17.18 3.94 13.71
CA ARG C 155 -17.27 2.54 13.30
C ARG C 155 -15.98 2.13 12.61
N LEU C 156 -15.51 0.94 12.98
CA LEU C 156 -14.37 0.30 12.34
C LEU C 156 -14.86 -0.95 11.62
N TRP C 157 -14.49 -1.08 10.35
CA TRP C 157 -14.79 -2.33 9.65
C TRP C 157 -13.83 -3.42 10.14
N ALA C 158 -13.92 -4.59 9.52
CA ALA C 158 -13.16 -5.74 10.01
C ALA C 158 -11.67 -5.53 9.83
N ASN C 159 -10.88 -6.14 10.73
CA ASN C 159 -9.43 -6.22 10.58
C ASN C 159 -8.78 -4.84 10.47
N VAL C 160 -9.20 -3.94 11.34
CA VAL C 160 -8.57 -2.65 11.53
C VAL C 160 -7.70 -2.74 12.77
N THR C 161 -6.52 -2.11 12.72
CA THR C 161 -5.59 -2.11 13.83
C THR C 161 -5.43 -0.69 14.36
N ILE C 162 -5.81 -0.49 15.62
CA ILE C 162 -5.57 0.75 16.34
C ILE C 162 -4.55 0.43 17.44
N TYR C 163 -3.43 1.16 17.43
CA TYR C 163 -2.40 0.95 18.45
C TYR C 163 -2.86 1.58 19.76
N HIS C 164 -1.92 1.74 20.69
CA HIS C 164 -2.19 2.25 22.02
C HIS C 164 -2.26 3.78 22.01
N GLU C 165 -2.99 4.34 22.98
CA GLU C 165 -3.01 5.77 23.25
C GLU C 165 -3.50 6.58 22.04
N ILE C 166 -4.34 5.98 21.20
CA ILE C 166 -4.91 6.67 20.05
C ILE C 166 -6.23 7.29 20.45
N GLN C 167 -6.49 8.49 19.93
CA GLN C 167 -7.74 9.21 20.17
C GLN C 167 -8.46 9.36 18.83
N ILE C 168 -9.68 8.84 18.75
CA ILE C 168 -10.50 8.92 17.55
C ILE C 168 -11.80 9.60 17.92
N GLY C 169 -12.23 10.53 17.09
CA GLY C 169 -13.38 11.36 17.39
C GLY C 169 -14.71 10.65 17.19
N GLN C 170 -15.76 11.46 17.02
CA GLN C 170 -17.11 10.95 16.88
C GLN C 170 -17.49 10.79 15.41
N ASN C 171 -18.29 9.77 15.12
CA ASN C 171 -18.87 9.56 13.79
C ASN C 171 -17.82 9.39 12.71
N CYS C 172 -16.69 8.77 13.07
CA CYS C 172 -15.66 8.42 12.09
C CYS C 172 -15.96 7.05 11.48
N LEU C 173 -15.31 6.78 10.35
CA LEU C 173 -15.48 5.50 9.66
C LEU C 173 -14.13 5.09 9.10
N ILE C 174 -13.66 3.90 9.48
CA ILE C 174 -12.36 3.40 9.07
C ILE C 174 -12.55 2.05 8.39
N GLN C 175 -12.09 1.95 7.14
CA GLN C 175 -12.25 0.72 6.37
C GLN C 175 -11.15 -0.29 6.71
N SER C 176 -11.36 -1.53 6.26
CA SER C 176 -10.55 -2.66 6.69
C SER C 176 -9.08 -2.52 6.28
N GLY C 177 -8.21 -3.17 7.06
CA GLY C 177 -6.80 -3.21 6.78
C GLY C 177 -6.02 -1.98 7.19
N THR C 178 -6.69 -0.91 7.60
CA THR C 178 -6.00 0.31 7.99
C THR C 178 -5.35 0.14 9.36
N VAL C 179 -4.23 0.83 9.54
CA VAL C 179 -3.44 0.75 10.75
C VAL C 179 -3.21 2.17 11.26
N VAL C 180 -3.62 2.45 12.49
CA VAL C 180 -3.49 3.77 13.07
C VAL C 180 -2.60 3.67 14.29
N GLY C 181 -1.47 4.38 14.26
CA GLY C 181 -0.63 4.50 15.42
C GLY C 181 0.61 3.63 15.44
N ALA C 182 1.02 3.07 14.30
CA ALA C 182 2.27 2.32 14.26
C ALA C 182 3.45 3.26 14.48
N ASP C 183 4.60 2.68 14.81
CA ASP C 183 5.81 3.46 15.00
C ASP C 183 6.14 4.27 13.75
N GLY C 184 6.40 5.56 13.94
CA GLY C 184 7.01 6.34 12.89
C GLY C 184 8.39 5.82 12.52
N PHE C 185 8.83 6.20 11.33
CA PHE C 185 10.14 5.78 10.80
C PHE C 185 11.26 6.64 11.42
N GLY C 186 11.38 6.53 12.73
CA GLY C 186 12.32 7.34 13.49
C GLY C 186 13.55 6.58 13.95
N TYR C 187 14.71 6.94 13.42
CA TYR C 187 15.96 6.26 13.74
C TYR C 187 17.11 7.25 13.71
N ALA C 188 18.03 7.10 14.65
CA ALA C 188 19.31 7.80 14.62
C ALA C 188 20.37 6.87 14.07
N ASN C 189 21.42 7.47 13.49
CA ASN C 189 22.50 6.71 12.87
C ASN C 189 23.73 6.77 13.74
N ASP C 190 24.26 5.59 14.09
CA ASP C 190 25.46 5.45 14.90
C ASP C 190 26.47 4.64 14.09
N ARG C 191 27.38 5.34 13.40
CA ARG C 191 28.45 4.70 12.65
C ARG C 191 27.92 3.68 11.66
N GLY C 192 26.82 4.02 10.99
CA GLY C 192 26.21 3.15 10.00
C GLY C 192 25.12 2.24 10.51
N ASN C 193 24.99 2.09 11.82
CA ASN C 193 23.93 1.29 12.42
C ASN C 193 22.75 2.17 12.78
N TRP C 194 21.54 1.67 12.52
CA TRP C 194 20.33 2.41 12.85
C TRP C 194 19.92 2.14 14.28
N VAL C 195 19.68 3.21 15.03
CA VAL C 195 19.27 3.13 16.43
C VAL C 195 17.82 3.57 16.51
N LYS C 196 16.94 2.67 16.95
CA LYS C 196 15.52 2.98 16.97
C LYS C 196 15.23 4.11 17.95
N ILE C 197 14.41 5.06 17.51
CA ILE C 197 13.87 6.09 18.39
C ILE C 197 12.44 5.68 18.74
N PRO C 198 12.15 5.28 19.98
CA PRO C 198 10.77 4.96 20.33
C PRO C 198 9.85 6.12 20.02
N GLN C 199 8.69 5.81 19.47
CA GLN C 199 7.72 6.82 19.05
C GLN C 199 6.65 6.88 20.13
N ILE C 200 6.79 7.83 21.06
CA ILE C 200 5.92 7.90 22.22
C ILE C 200 4.85 8.98 22.08
N GLY C 201 4.77 9.64 20.92
CA GLY C 201 3.62 10.46 20.61
C GLY C 201 2.43 9.61 20.26
N ARG C 202 1.36 10.29 19.83
CA ARG C 202 0.11 9.59 19.55
C ARG C 202 -0.43 9.95 18.18
N VAL C 203 -1.66 9.49 17.89
CA VAL C 203 -2.44 10.01 16.79
C VAL C 203 -3.73 10.54 17.36
N ILE C 204 -4.11 11.75 16.94
CA ILE C 204 -5.39 12.35 17.28
C ILE C 204 -6.18 12.47 15.99
N ILE C 205 -7.29 11.74 15.89
CA ILE C 205 -8.20 11.82 14.75
C ILE C 205 -9.44 12.57 15.19
N GLY C 206 -9.86 13.55 14.40
CA GLY C 206 -10.98 14.39 14.75
C GLY C 206 -12.32 13.72 14.51
N ASP C 207 -13.35 14.56 14.39
CA ASP C 207 -14.71 14.08 14.20
C ASP C 207 -15.01 13.94 12.71
N ARG C 208 -15.84 12.93 12.40
CA ARG C 208 -16.37 12.75 11.04
C ARG C 208 -15.24 12.54 10.03
N VAL C 209 -14.18 11.86 10.46
CA VAL C 209 -13.08 11.51 9.57
C VAL C 209 -13.38 10.15 8.93
N GLU C 210 -13.15 10.06 7.63
CA GLU C 210 -13.29 8.79 6.92
C GLU C 210 -11.93 8.39 6.39
N ILE C 211 -11.53 7.14 6.65
CA ILE C 211 -10.24 6.61 6.23
C ILE C 211 -10.49 5.34 5.44
N GLY C 212 -9.89 5.26 4.26
CA GLY C 212 -10.06 4.11 3.39
C GLY C 212 -9.32 2.87 3.90
N ALA C 213 -9.18 1.90 3.01
CA ALA C 213 -8.64 0.59 3.35
C ALA C 213 -7.13 0.56 3.16
N CYS C 214 -6.46 -0.15 4.07
CA CYS C 214 -5.01 -0.37 4.00
C CYS C 214 -4.24 0.95 3.99
N THR C 215 -4.77 1.96 4.66
CA THR C 215 -4.05 3.20 4.91
C THR C 215 -3.31 3.07 6.24
N THR C 216 -2.15 3.72 6.34
CA THR C 216 -1.36 3.70 7.56
C THR C 216 -1.12 5.12 8.04
N ILE C 217 -1.42 5.37 9.32
CA ILE C 217 -1.21 6.67 9.94
C ILE C 217 -0.32 6.44 11.16
N ASP C 218 0.93 6.90 11.09
CA ASP C 218 1.89 6.63 12.13
C ASP C 218 1.72 7.59 13.31
N ARG C 219 2.05 7.09 14.50
CA ARG C 219 2.02 7.93 15.69
C ARG C 219 3.22 8.88 15.69
N GLY C 220 3.12 9.93 16.50
CA GLY C 220 4.19 10.91 16.55
C GLY C 220 5.37 10.44 17.39
N ALA C 221 6.51 11.09 17.16
CA ALA C 221 7.73 10.74 17.90
C ALA C 221 7.62 11.19 19.35
N LEU C 222 7.20 12.44 19.57
CA LEU C 222 7.03 12.98 20.91
C LEU C 222 5.69 13.68 21.00
N ASP C 223 5.47 14.65 20.12
CA ASP C 223 4.16 15.25 19.93
C ASP C 223 3.38 14.37 18.93
N ASP C 224 2.21 14.82 18.50
CA ASP C 224 1.23 13.93 17.91
C ASP C 224 1.07 14.12 16.41
N THR C 225 0.71 13.03 15.74
CA THR C 225 0.11 13.08 14.41
C THR C 225 -1.35 13.48 14.56
N ILE C 226 -1.80 14.44 13.75
CA ILE C 226 -3.11 15.05 13.95
C ILE C 226 -3.88 15.02 12.64
N ILE C 227 -5.09 14.45 12.68
CA ILE C 227 -6.03 14.49 11.55
C ILE C 227 -7.20 15.36 11.96
N GLY C 228 -7.45 16.41 11.18
CA GLY C 228 -8.49 17.37 11.51
C GLY C 228 -9.89 16.83 11.29
N ASN C 229 -10.88 17.63 11.66
CA ASN C 229 -12.27 17.24 11.52
C ASN C 229 -12.67 17.16 10.04
N GLY C 230 -13.53 16.19 9.71
CA GLY C 230 -14.09 16.12 8.38
C GLY C 230 -13.12 15.73 7.29
N VAL C 231 -11.90 15.33 7.64
CA VAL C 231 -10.92 14.90 6.66
C VAL C 231 -11.34 13.57 6.05
N ILE C 232 -11.13 13.42 4.75
CA ILE C 232 -11.42 12.16 4.06
C ILE C 232 -10.13 11.66 3.43
N ILE C 233 -9.80 10.40 3.66
CA ILE C 233 -8.55 9.80 3.22
C ILE C 233 -8.88 8.48 2.53
N ASP C 234 -8.36 8.31 1.32
CA ASP C 234 -8.67 7.15 0.48
C ASP C 234 -7.77 5.98 0.85
N ASN C 235 -7.75 4.94 0.01
CA ASN C 235 -7.02 3.72 0.30
C ASN C 235 -5.51 3.91 0.15
N GLN C 236 -4.77 3.08 0.88
CA GLN C 236 -3.35 2.88 0.63
C GLN C 236 -2.54 4.16 0.77
N CYS C 237 -2.99 5.08 1.62
CA CYS C 237 -2.22 6.27 1.93
C CYS C 237 -1.28 5.99 3.08
N GLN C 238 -0.16 6.72 3.10
CA GLN C 238 0.80 6.69 4.19
C GLN C 238 0.92 8.08 4.78
N ILE C 239 0.50 8.22 6.03
CA ILE C 239 0.62 9.48 6.77
C ILE C 239 1.66 9.27 7.85
N ALA C 240 2.82 9.89 7.68
CA ALA C 240 3.99 9.63 8.52
C ALA C 240 3.83 10.31 9.87
N HIS C 241 4.79 10.04 10.75
CA HIS C 241 4.73 10.58 12.10
C HIS C 241 4.74 12.10 12.08
N ASN C 242 3.95 12.70 12.97
CA ASN C 242 3.90 14.15 13.19
C ASN C 242 3.39 14.92 11.98
N VAL C 243 2.71 14.24 11.05
CA VAL C 243 1.96 14.97 10.03
C VAL C 243 0.72 15.58 10.66
N VAL C 244 0.37 16.79 10.22
CA VAL C 244 -0.86 17.45 10.61
C VAL C 244 -1.66 17.74 9.34
N ILE C 245 -2.92 17.33 9.33
CA ILE C 245 -3.80 17.50 8.18
C ILE C 245 -5.01 18.32 8.63
N GLY C 246 -5.22 19.45 7.97
CA GLY C 246 -6.26 20.37 8.40
C GLY C 246 -7.65 19.90 8.07
N ASP C 247 -8.61 20.43 8.83
CA ASP C 247 -10.04 20.14 8.64
C ASP C 247 -10.44 20.13 7.18
N ASN C 248 -11.28 19.17 6.82
CA ASN C 248 -11.97 19.08 5.53
C ASN C 248 -11.04 18.76 4.37
N THR C 249 -9.75 18.54 4.61
CA THR C 249 -8.85 18.20 3.53
C THR C 249 -9.16 16.81 3.01
N ALA C 250 -9.01 16.64 1.70
CA ALA C 250 -9.24 15.36 1.03
C ALA C 250 -7.93 14.85 0.50
N VAL C 251 -7.64 13.58 0.77
CA VAL C 251 -6.42 12.91 0.32
C VAL C 251 -6.83 11.68 -0.47
N ALA C 252 -6.56 11.68 -1.77
CA ALA C 252 -6.95 10.58 -2.64
C ALA C 252 -5.99 9.40 -2.49
N GLY C 253 -6.27 8.33 -3.22
CA GLY C 253 -5.64 7.05 -2.96
C GLY C 253 -4.14 7.05 -3.22
N GLY C 254 -3.41 6.33 -2.38
CA GLY C 254 -2.02 6.06 -2.61
C GLY C 254 -1.07 7.22 -2.40
N VAL C 255 -1.51 8.26 -1.70
CA VAL C 255 -0.64 9.40 -1.41
C VAL C 255 0.35 9.03 -0.31
N ILE C 256 1.60 9.45 -0.48
CA ILE C 256 2.68 9.16 0.46
C ILE C 256 3.18 10.48 1.02
N MET C 257 3.08 10.66 2.33
CA MET C 257 3.55 11.85 3.01
C MET C 257 4.73 11.54 3.92
N ALA C 258 5.74 12.41 3.91
CA ALA C 258 6.87 12.28 4.80
C ALA C 258 6.56 12.92 6.16
N GLY C 259 7.46 12.70 7.12
CA GLY C 259 7.20 13.11 8.48
C GLY C 259 7.20 14.62 8.64
N SER C 260 6.43 15.07 9.65
CA SER C 260 6.40 16.47 10.05
C SER C 260 5.92 17.39 8.92
N LEU C 261 5.11 16.85 8.02
CA LEU C 261 4.40 17.68 7.05
C LEU C 261 3.15 18.26 7.68
N LYS C 262 2.91 19.55 7.42
CA LYS C 262 1.66 20.19 7.81
C LYS C 262 0.89 20.57 6.55
N ILE C 263 -0.32 20.05 6.43
CA ILE C 263 -1.23 20.39 5.34
C ILE C 263 -2.37 21.23 5.91
N GLY C 264 -2.67 22.33 5.24
CA GLY C 264 -3.67 23.24 5.75
C GLY C 264 -5.07 22.68 5.64
N ARG C 265 -6.02 23.53 6.00
CA ARG C 265 -7.44 23.21 5.84
C ARG C 265 -7.86 23.34 4.39
N TYR C 266 -8.90 22.60 4.02
CA TYR C 266 -9.57 22.77 2.74
C TYR C 266 -8.69 22.42 1.55
N CYS C 267 -7.71 21.54 1.74
CA CYS C 267 -6.82 21.13 0.66
C CYS C 267 -7.35 19.87 -0.03
N MET C 268 -6.86 19.65 -1.25
CA MET C 268 -7.21 18.48 -2.04
C MET C 268 -5.93 17.91 -2.63
N ILE C 269 -5.51 16.74 -2.17
CA ILE C 269 -4.28 16.10 -2.59
C ILE C 269 -4.63 14.95 -3.52
N GLY C 270 -4.24 15.07 -4.80
CA GLY C 270 -4.63 14.08 -5.79
C GLY C 270 -3.92 12.75 -5.62
N GLY C 271 -4.52 11.72 -6.19
CA GLY C 271 -4.04 10.36 -5.96
C GLY C 271 -2.60 10.19 -6.38
N ALA C 272 -1.87 9.38 -5.62
CA ALA C 272 -0.49 8.98 -5.91
C ALA C 272 0.49 10.14 -5.82
N SER C 273 0.11 11.25 -5.20
CA SER C 273 1.07 12.32 -4.94
C SER C 273 2.08 11.89 -3.89
N VAL C 274 3.23 12.56 -3.90
CA VAL C 274 4.33 12.31 -2.97
C VAL C 274 4.73 13.65 -2.37
N ILE C 275 4.65 13.77 -1.05
CA ILE C 275 4.86 15.05 -0.38
C ILE C 275 6.06 14.94 0.55
N ASN C 276 6.99 15.89 0.42
CA ASN C 276 8.18 15.94 1.25
C ASN C 276 7.82 16.30 2.69
N GLY C 277 8.75 16.07 3.61
CA GLY C 277 8.53 16.29 5.02
C GLY C 277 9.06 17.63 5.51
N HIS C 278 8.86 17.85 6.81
CA HIS C 278 9.38 19.02 7.52
C HIS C 278 9.12 20.30 6.75
N MET C 279 7.88 20.47 6.31
CA MET C 279 7.48 21.65 5.57
C MET C 279 5.97 21.80 5.69
N GLU C 280 5.43 22.87 5.10
CA GLU C 280 4.03 23.19 5.24
C GLU C 280 3.38 23.47 3.89
N ILE C 281 2.14 23.01 3.75
CA ILE C 281 1.26 23.38 2.66
C ILE C 281 0.13 24.20 3.25
N CYS C 282 -0.11 25.38 2.66
CA CYS C 282 -1.10 26.29 3.22
C CYS C 282 -2.52 25.83 2.90
N ASP C 283 -3.49 26.56 3.43
CA ASP C 283 -4.90 26.25 3.17
C ASP C 283 -5.21 26.37 1.69
N LYS C 284 -6.26 25.65 1.26
CA LYS C 284 -6.88 25.85 -0.04
C LYS C 284 -5.91 25.56 -1.18
N VAL C 285 -5.13 24.49 -1.04
CA VAL C 285 -4.20 24.05 -2.07
C VAL C 285 -4.72 22.77 -2.69
N THR C 286 -4.69 22.70 -4.02
CA THR C 286 -5.05 21.50 -4.76
C THR C 286 -3.80 21.02 -5.49
N VAL C 287 -3.39 19.79 -5.23
CA VAL C 287 -2.28 19.15 -5.91
C VAL C 287 -2.87 18.07 -6.81
N THR C 288 -2.59 18.15 -8.11
CA THR C 288 -3.18 17.16 -9.00
C THR C 288 -2.44 15.83 -8.87
N GLY C 289 -3.03 14.79 -9.46
CA GLY C 289 -2.54 13.43 -9.30
C GLY C 289 -1.07 13.24 -9.58
N MET C 290 -0.41 12.39 -8.77
CA MET C 290 1.00 12.05 -8.93
C MET C 290 1.89 13.27 -8.77
N GLY C 291 1.43 14.27 -8.02
CA GLY C 291 2.21 15.48 -7.82
C GLY C 291 3.47 15.20 -7.01
N MET C 292 4.59 15.74 -7.47
CA MET C 292 5.86 15.61 -6.76
C MET C 292 6.07 16.89 -5.96
N VAL C 293 5.64 16.85 -4.70
CA VAL C 293 5.61 18.04 -3.84
C VAL C 293 6.92 18.06 -3.04
N MET C 294 7.92 18.74 -3.60
CA MET C 294 9.25 18.76 -3.02
C MET C 294 9.47 19.92 -2.07
N ARG C 295 8.84 21.05 -2.30
CA ARG C 295 9.05 22.27 -1.54
C ARG C 295 7.73 22.74 -0.92
N PRO C 296 7.81 23.64 0.06
CA PRO C 296 6.57 24.16 0.67
C PRO C 296 5.70 24.87 -0.36
N ILE C 297 4.40 24.86 -0.10
CA ILE C 297 3.43 25.57 -0.93
C ILE C 297 2.84 26.67 -0.06
N THR C 298 3.14 27.92 -0.40
CA THR C 298 2.84 29.07 0.45
C THR C 298 1.69 29.93 -0.08
N GLU C 299 1.18 29.66 -1.27
CA GLU C 299 0.04 30.37 -1.83
C GLU C 299 -1.05 29.38 -2.24
N PRO C 300 -2.32 29.70 -2.00
CA PRO C 300 -3.39 28.80 -2.41
C PRO C 300 -3.48 28.70 -3.92
N GLY C 301 -4.04 27.59 -4.38
CA GLY C 301 -4.26 27.38 -5.79
C GLY C 301 -3.98 25.94 -6.19
N VAL C 302 -3.87 25.73 -7.50
CA VAL C 302 -3.73 24.39 -8.08
C VAL C 302 -2.30 24.23 -8.56
N TYR C 303 -1.70 23.07 -8.25
CA TYR C 303 -0.32 22.77 -8.57
C TYR C 303 -0.24 21.37 -9.18
N SER C 304 0.73 21.19 -10.08
CA SER C 304 0.82 19.96 -10.86
C SER C 304 2.27 19.64 -11.17
N SER C 305 2.52 18.36 -11.48
CA SER C 305 3.83 17.92 -11.96
C SER C 305 3.65 16.67 -12.81
N GLY C 306 4.70 16.32 -13.52
CA GLY C 306 4.74 15.05 -14.22
C GLY C 306 4.69 15.24 -15.73
N ILE C 307 5.42 14.38 -16.43
CA ILE C 307 5.40 14.31 -17.89
C ILE C 307 4.55 13.10 -18.29
N PRO C 308 3.37 13.29 -18.89
CA PRO C 308 2.45 12.17 -19.07
C PRO C 308 2.87 11.24 -20.21
N LEU C 309 2.06 10.19 -20.36
CA LEU C 309 2.39 9.04 -21.20
C LEU C 309 2.54 9.43 -22.66
N GLN C 310 3.42 8.72 -23.36
CA GLN C 310 3.60 8.80 -24.80
C GLN C 310 3.85 7.40 -25.33
N PRO C 311 3.64 7.19 -26.63
CA PRO C 311 4.09 5.94 -27.24
C PRO C 311 5.55 5.67 -26.88
N ASN C 312 5.87 4.41 -26.63
CA ASN C 312 7.21 4.08 -26.13
C ASN C 312 8.30 4.62 -27.06
N LYS C 313 8.12 4.46 -28.38
CA LYS C 313 9.09 4.98 -29.32
C LYS C 313 9.31 6.48 -29.13
N VAL C 314 8.22 7.21 -28.84
CA VAL C 314 8.33 8.66 -28.64
C VAL C 314 8.94 8.95 -27.28
N TRP C 315 8.52 8.23 -26.24
CA TRP C 315 9.05 8.47 -24.91
C TRP C 315 10.56 8.30 -24.88
N ARG C 316 11.08 7.29 -25.58
CA ARG C 316 12.52 7.05 -25.59
C ARG C 316 13.27 8.31 -25.98
N LYS C 317 12.79 9.02 -27.01
CA LYS C 317 13.43 10.26 -27.43
C LYS C 317 13.20 11.37 -26.42
N THR C 318 11.98 11.48 -25.90
CA THR C 318 11.68 12.49 -24.89
C THR C 318 12.59 12.35 -23.68
N ALA C 319 12.71 11.13 -23.15
CA ALA C 319 13.53 10.91 -21.96
C ALA C 319 15.00 11.21 -22.23
N ALA C 320 15.52 10.73 -23.36
CA ALA C 320 16.93 10.96 -23.66
C ALA C 320 17.22 12.45 -23.85
N LEU C 321 16.31 13.17 -24.51
CA LEU C 321 16.53 14.60 -24.74
C LEU C 321 16.45 15.39 -23.44
N VAL C 322 15.48 15.09 -22.59
CA VAL C 322 15.39 15.78 -21.30
C VAL C 322 16.65 15.52 -20.48
N MET C 323 17.09 14.27 -20.41
CA MET C 323 18.27 13.95 -19.60
C MET C 323 19.51 14.69 -20.11
N ASN C 324 19.59 14.94 -21.41
CA ASN C 324 20.69 15.69 -22.01
CA ASN C 324 20.70 15.69 -21.99
C ASN C 324 20.31 17.14 -22.29
N ILE C 325 19.42 17.71 -21.49
CA ILE C 325 18.94 19.07 -21.78
C ILE C 325 20.01 20.12 -21.49
N ASP C 326 20.95 19.83 -20.58
CA ASP C 326 22.04 20.78 -20.35
C ASP C 326 22.83 21.01 -21.63
N ASP C 327 23.11 19.93 -22.37
CA ASP C 327 23.81 20.08 -23.64
C ASP C 327 22.98 20.85 -24.66
N MET C 328 21.69 20.56 -24.73
CA MET C 328 20.80 21.34 -25.59
C MET C 328 20.86 22.82 -25.22
N SER C 329 20.82 23.12 -23.92
CA SER C 329 20.89 24.49 -23.46
C SER C 329 22.20 25.15 -23.90
N LYS C 330 23.32 24.44 -23.75
CA LYS C 330 24.61 25.00 -24.15
C LYS C 330 24.63 25.26 -25.65
N ARG C 331 24.13 24.33 -26.45
CA ARG C 331 24.10 24.53 -27.90
C ARG C 331 23.27 25.75 -28.26
N LEU C 332 22.13 25.95 -27.59
CA LEU C 332 21.30 27.12 -27.87
C LEU C 332 22.07 28.40 -27.61
N LYS C 333 22.69 28.52 -26.43
CA LYS C 333 23.47 29.72 -26.12
C LYS C 333 24.60 29.90 -27.13
N SER C 334 25.28 28.82 -27.49
CA SER C 334 26.37 28.91 -28.46
C SER C 334 25.88 29.46 -29.79
N LEU C 335 24.74 28.95 -30.26
CA LEU C 335 24.18 29.45 -31.52
C LEU C 335 23.71 30.90 -31.38
N GLU C 336 23.19 31.26 -30.21
CA GLU C 336 22.80 32.65 -29.97
C GLU C 336 23.99 33.58 -30.10
N ARG C 337 25.12 33.22 -29.49
CA ARG C 337 26.32 34.03 -29.60
C ARG C 337 26.79 34.13 -31.05
N LYS C 338 26.79 33.01 -31.77
CA LYS C 338 27.24 33.02 -33.16
C LYS C 338 26.36 33.93 -34.02
N VAL C 339 25.04 33.86 -33.85
CA VAL C 339 24.15 34.68 -34.65
C VAL C 339 24.29 36.15 -34.28
N ASN C 340 24.45 36.44 -32.99
CA ASN C 340 24.61 37.83 -32.55
C ASN C 340 26.07 38.27 -32.63
#